data_8Q3E
#
_entry.id   8Q3E
#
_cell.length_a   107.168
_cell.length_b   109.638
_cell.length_c   183.557
_cell.angle_alpha   90.000
_cell.angle_beta   90.000
_cell.angle_gamma   90.000
#
_symmetry.space_group_name_H-M   'P 21 21 21'
#
loop_
_entity.id
_entity.type
_entity.pdbx_description
1 polymer GLY-GLY-TYR-ASN-LEU-ARG-PRO-ARG-THR-TYR-GLN-PRO-GLN-ARG-TYR-GLY-GLY-GLY
2 polymer 'Histone H3.1'
3 polymer 'Histone H4'
4 polymer 'Histone H2A type 1-B/E'
5 polymer 'Histone H2B type 1-K'
6 polymer 'DNA (145-MER)'
7 polymer 'DNA (145-MER)'
8 non-polymer 'MAGNESIUM ION'
#
loop_
_entity_poly.entity_id
_entity_poly.type
_entity_poly.pdbx_seq_one_letter_code
_entity_poly.pdbx_strand_id
1 'polypeptide(L)' GGYNLRPRTYQPQRYGGG MMM
2 'polypeptide(L)'
;PHRYRPGTVALREIRRYQKSTELLIRKLPFQRLVREIAQDFKTDLRFQSSAVMALQEACEAYLVGLFEDTNLCAIHAKRV
TIMPKDIQLARRIRGERA
;
AAA,EEE
3 'polypeptide(L)'
;KRHRKVLRDNIQGITKPAIRRLARRGGVKRISGLIYEETRGVLKVFLENVIRDAVTYTEHAKRKTVTAMDVVYALKRQGR
TLYGFGG
;
BBB,FFF
4 'polypeptide(L)'
;KAKTRSSRAGLQFPVGRVHRLLRKGNYSERVGAGAPVYLAAVLEYLTAEILELAGNAARDNKKTRIIPRHLQLAIRNDEE
LNKLLGRVTIAQGGVLPNIQAVLLPKK
;
CCC,GGG
5 'polypeptide(L)'
;RSRKESYSVYVYKVLKQVHPDTGISSKAMGIMNSFVNDIFERIAGEASRLAHYNKRSTITSREIQTAVRLLLPGELAKHA
VSEGTKAVTKYTSAK
;
DDD,HHH
6 'polydeoxyribonucleotide'
;(DA)(DT)(DC)(DA)(DA)(DT)(DA)(DT)(DC)(DC)(DA)(DC)(DC)(DT)(DG)(DC)(DA)(DG)(DA)(DT)
(DA)(DC)(DT)(DA)(DC)(DC)(DA)(DA)(DA)(DA)(DG)(DT)(DG)(DT)(DA)(DT)(DT)(DT)(DG)(DG)
(DA)(DA)(DA)(DC)(DT)(DG)(DC)(DT)(DC)(DC)(DA)(DT)(DC)(DA)(DA)(DA)(DA)(DG)(DG)(DC)
(DA)(DT)(DG)(DT)(DT)(DC)(DA)(DG)(DC)(DT)(DG)(DA)(DA)(DT)(DC)(DA)(DG)(DC)(DT)(DG)
(DA)(DA)(DC)(DA)(DT)(DG)(DC)(DC)(DT)(DT)(DT)(DT)(DG)(DA)(DT)(DG)(DG)(DA)(DG)(DC)
(DA)(DG)(DT)(DT)(DT)(DC)(DC)(DA)(DA)(DA)(DT)(DA)(DC)(DA)(DC)(DT)(DT)(DT)(DT)(DG)
(DG)(DT)(DA)(DG)(DT)(DA)(DT)(DC)(DT)(DG)(DC)(DA)(DG)(DG)(DT)(DG)(DG)(DA)(DT)(DA)
(DT)(DT)(DG)(DA)(DT)
;
III
7 'polydeoxyribonucleotide'
;(DA)(DT)(DC)(DA)(DA)(DT)(DA)(DT)(DC)(DC)(DA)(DC)(DC)(DT)(DG)(DC)(DA)(DG)(DA)(DT)
(DA)(DC)(DT)(DA)(DC)(DC)(DA)(DA)(DA)(DA)(DG)(DT)(DG)(DT)(DA)(DT)(DT)(DT)(DG)(DG)
(DA)(DA)(DA)(DC)(DT)(DG)(DC)(DT)(DC)(DC)(DA)(DT)(DC)(DA)(DA)(DA)(DA)(DG)(DG)(DC)
(DA)(DT)(DG)(DT)(DT)(DC)(DA)(DG)(DC)(DT)(DG)(DA)(DT)(DT)(DC)(DA)(DG)(DC)(DT)(DG)
(DA)(DA)(DC)(DA)(DT)(DG)(DC)(DC)(DT)(DT)(DT)(DT)(DG)(DA)(DT)(DG)(DG)(DA)(DG)(DC)
(DA)(DG)(DT)(DT)(DT)(DC)(DC)(DA)(DA)(DA)(DT)(DA)(DC)(DA)(DC)(DT)(DT)(DT)(DT)(DG)
(DG)(DT)(DA)(DG)(DT)(DA)(DT)(DC)(DT)(DG)(DC)(DA)(DG)(DG)(DT)(DG)(DG)(DA)(DT)(DA)
(DT)(DT)(DG)(DA)(DT)
;
JJJ
#
loop_
_chem_comp.id
_chem_comp.type
_chem_comp.name
_chem_comp.formula
DA DNA linking 2'-DEOXYADENOSINE-5'-MONOPHOSPHATE 'C10 H14 N5 O6 P'
DC DNA linking 2'-DEOXYCYTIDINE-5'-MONOPHOSPHATE 'C9 H14 N3 O7 P'
DG DNA linking 2'-DEOXYGUANOSINE-5'-MONOPHOSPHATE 'C10 H14 N5 O7 P'
DT DNA linking THYMIDINE-5'-MONOPHOSPHATE 'C10 H15 N2 O8 P'
MG non-polymer 'MAGNESIUM ION' 'Mg 2'
#
# COMPACT_ATOMS: atom_id res chain seq x y z
N GLY A 1 -1.19 24.57 22.61
CA GLY A 1 -0.53 25.94 22.59
C GLY A 1 -1.35 26.94 21.80
N GLY A 2 -0.79 27.50 20.71
CA GLY A 2 -1.51 28.40 19.77
C GLY A 2 -2.00 27.71 18.49
N TYR A 3 -2.27 26.40 18.54
CA TYR A 3 -2.67 25.58 17.36
C TYR A 3 -4.15 25.21 17.48
N ASN A 4 -4.85 25.22 16.33
CA ASN A 4 -6.24 24.71 16.23
C ASN A 4 -6.20 23.17 16.28
N LEU A 5 -5.99 22.62 17.48
CA LEU A 5 -6.00 21.17 17.77
C LEU A 5 -7.43 20.64 17.70
N ARG A 6 -7.59 19.32 17.60
CA ARG A 6 -8.93 18.69 17.50
C ARG A 6 -9.57 18.83 18.87
N PRO A 7 -10.84 19.30 18.97
CA PRO A 7 -11.53 19.37 20.26
C PRO A 7 -11.57 17.99 20.92
N ARG A 8 -12.22 17.00 20.30
CA ARG A 8 -12.34 15.62 20.81
C ARG A 8 -11.53 14.64 19.94
N THR A 9 -10.93 13.64 20.58
CA THR A 9 -10.20 12.50 19.94
C THR A 9 -10.90 11.18 20.33
N TYR A 10 -11.45 10.45 19.36
CA TYR A 10 -12.05 9.11 19.57
C TYR A 10 -10.97 8.03 19.40
N GLN A 11 -11.14 6.89 20.08
CA GLN A 11 -10.29 5.68 19.92
C GLN A 11 -10.77 4.85 18.73
N PRO A 12 -9.90 4.01 18.13
CA PRO A 12 -10.31 3.11 17.06
C PRO A 12 -11.07 1.92 17.66
N GLN A 13 -12.16 1.47 17.00
CA GLN A 13 -12.91 0.24 17.41
C GLN A 13 -12.18 -1.00 16.92
N ARG A 14 -11.42 -1.65 17.79
CA ARG A 14 -10.65 -2.87 17.46
C ARG A 14 -11.58 -4.09 17.35
N TYR A 15 -11.43 -4.89 16.28
CA TYR A 15 -11.99 -6.27 16.20
C TYR A 15 -11.50 -7.07 17.41
N GLY A 16 -12.41 -7.80 18.09
CA GLY A 16 -12.16 -8.57 19.34
C GLY A 16 -11.96 -7.69 20.58
N GLY A 17 -12.19 -6.37 20.47
CA GLY A 17 -11.88 -5.34 21.48
C GLY A 17 -10.41 -5.33 21.86
N GLY A 18 -10.03 -6.07 22.91
N PRO B 1 5.14 -26.45 49.01
CA PRO B 1 5.34 -26.58 47.56
C PRO B 1 4.18 -25.96 46.74
N HIS B 2 4.41 -24.79 46.12
CA HIS B 2 3.39 -23.95 45.44
C HIS B 2 3.77 -23.71 43.97
N ARG B 3 2.83 -23.99 43.08
CA ARG B 3 3.01 -24.14 41.61
C ARG B 3 1.89 -23.35 40.92
N TYR B 4 2.23 -22.45 39.99
CA TYR B 4 1.20 -21.64 39.29
C TYR B 4 0.52 -22.54 38.25
N ARG B 5 -0.78 -22.37 38.05
CA ARG B 5 -1.57 -23.20 37.10
C ARG B 5 -1.19 -22.85 35.65
N PRO B 6 -1.46 -23.76 34.68
CA PRO B 6 -1.18 -23.47 33.27
C PRO B 6 -1.91 -22.19 32.83
N GLY B 7 -1.19 -21.22 32.26
CA GLY B 7 -1.77 -19.99 31.68
C GLY B 7 -1.71 -18.80 32.63
N THR B 8 -1.42 -19.00 33.91
CA THR B 8 -1.28 -17.91 34.90
C THR B 8 0.05 -17.18 34.67
N VAL B 9 1.12 -17.89 34.39
CA VAL B 9 2.42 -17.24 34.04
C VAL B 9 2.33 -16.67 32.62
N ALA B 10 1.52 -17.27 31.74
CA ALA B 10 1.34 -16.82 30.33
C ALA B 10 0.74 -15.40 30.34
N LEU B 11 -0.39 -15.20 31.03
CA LEU B 11 -1.03 -13.87 31.23
C LEU B 11 -0.01 -12.88 31.77
N ARG B 12 0.88 -13.32 32.66
CA ARG B 12 1.80 -12.40 33.36
C ARG B 12 2.86 -11.93 32.36
N GLU B 13 3.39 -12.85 31.55
CA GLU B 13 4.33 -12.49 30.45
C GLU B 13 3.63 -11.54 29.48
N ILE B 14 2.37 -11.83 29.12
CA ILE B 14 1.60 -10.93 28.22
C ILE B 14 1.61 -9.53 28.84
N ARG B 15 1.18 -9.42 30.09
CA ARG B 15 1.03 -8.08 30.71
C ARG B 15 2.40 -7.44 30.71
N ARG B 16 3.43 -8.24 31.02
CA ARG B 16 4.81 -7.74 31.17
C ARG B 16 5.34 -7.27 29.82
N TYR B 17 5.27 -8.10 28.78
CA TYR B 17 5.89 -7.81 27.45
C TYR B 17 5.05 -6.77 26.67
N GLN B 18 3.78 -6.61 26.95
CA GLN B 18 2.92 -5.58 26.29
C GLN B 18 3.19 -4.19 26.89
N LYS B 19 3.85 -4.15 28.03
CA LYS B 19 4.15 -2.90 28.79
C LYS B 19 5.49 -2.37 28.34
N SER B 20 6.45 -3.26 28.06
CA SER B 20 7.85 -2.96 27.68
C SER B 20 8.03 -2.85 26.16
N THR B 21 9.17 -2.27 25.77
CA THR B 21 9.57 -2.01 24.37
C THR B 21 10.94 -2.63 24.05
N GLU B 22 11.60 -3.32 24.98
CA GLU B 22 12.93 -3.91 24.67
C GLU B 22 12.76 -4.96 23.56
N LEU B 23 13.74 -5.04 22.67
CA LEU B 23 13.88 -6.14 21.72
C LEU B 23 13.93 -7.45 22.50
N LEU B 24 13.29 -8.49 21.96
CA LEU B 24 12.98 -9.77 22.65
C LEU B 24 13.83 -10.89 22.08
N ILE B 25 14.54 -10.65 20.98
CA ILE B 25 15.51 -11.62 20.39
C ILE B 25 16.90 -11.16 20.82
N ARG B 26 17.78 -12.09 21.23
CA ARG B 26 19.19 -11.77 21.64
C ARG B 26 19.90 -11.21 20.41
N LYS B 27 20.69 -10.15 20.55
CA LYS B 27 21.24 -9.38 19.39
C LYS B 27 22.15 -10.28 18.55
N LEU B 28 23.13 -10.94 19.18
CA LEU B 28 24.20 -11.63 18.41
C LEU B 28 23.58 -12.64 17.47
N PRO B 29 22.72 -13.59 17.92
CA PRO B 29 22.10 -14.57 17.03
C PRO B 29 21.49 -13.92 15.79
N PHE B 30 20.83 -12.76 15.98
CA PHE B 30 20.08 -12.03 14.94
C PHE B 30 21.09 -11.43 13.96
N GLN B 31 22.14 -10.79 14.49
CA GLN B 31 23.27 -10.27 13.68
C GLN B 31 23.83 -11.42 12.83
N ARG B 32 24.07 -12.59 13.42
CA ARG B 32 24.63 -13.74 12.67
C ARG B 32 23.65 -14.09 11.52
N LEU B 33 22.37 -14.26 11.84
CA LEU B 33 21.32 -14.58 10.83
C LEU B 33 21.31 -13.52 9.72
N VAL B 34 21.34 -12.24 10.07
CA VAL B 34 21.36 -11.15 9.04
C VAL B 34 22.54 -11.43 8.11
N ARG B 35 23.76 -11.49 8.64
CA ARG B 35 25.01 -11.67 7.82
C ARG B 35 24.89 -12.90 6.93
N GLU B 36 24.47 -14.05 7.46
CA GLU B 36 24.24 -15.28 6.67
C GLU B 36 23.39 -14.94 5.44
N ILE B 37 22.14 -14.52 5.66
CA ILE B 37 21.15 -14.30 4.57
C ILE B 37 21.78 -13.33 3.59
N ALA B 38 22.43 -12.28 4.08
CA ALA B 38 23.01 -11.21 3.22
C ALA B 38 24.19 -11.74 2.38
N GLN B 39 25.03 -12.61 2.96
CA GLN B 39 26.16 -13.29 2.28
C GLN B 39 25.69 -13.83 0.93
N ASP B 40 24.50 -14.44 0.88
CA ASP B 40 23.93 -15.08 -0.35
C ASP B 40 23.64 -14.06 -1.46
N PHE B 41 23.67 -12.76 -1.19
CA PHE B 41 23.30 -11.72 -2.18
C PHE B 41 24.52 -10.90 -2.58
N LYS B 42 25.43 -10.67 -1.65
CA LYS B 42 26.75 -10.08 -1.93
C LYS B 42 27.68 -10.43 -0.77
N THR B 43 28.84 -10.99 -1.09
CA THR B 43 29.84 -11.47 -0.12
C THR B 43 30.66 -10.28 0.35
N ASP B 44 31.39 -10.46 1.45
CA ASP B 44 32.34 -9.47 2.01
C ASP B 44 31.55 -8.22 2.39
N LEU B 45 30.37 -8.40 2.98
CA LEU B 45 29.53 -7.23 3.31
C LEU B 45 29.85 -6.78 4.72
N ARG B 46 29.81 -5.48 4.93
CA ARG B 46 29.77 -4.86 6.28
C ARG B 46 28.39 -4.21 6.46
N PHE B 47 28.01 -4.01 7.72
CA PHE B 47 26.69 -3.57 8.18
C PHE B 47 26.91 -2.41 9.15
N GLN B 48 26.27 -1.26 8.97
CA GLN B 48 26.32 -0.28 10.09
C GLN B 48 25.58 -0.91 11.26
N SER B 49 26.00 -0.62 12.49
CA SER B 49 25.33 -1.07 13.73
C SER B 49 23.83 -0.70 13.66
N SER B 50 23.52 0.53 13.25
CA SER B 50 22.14 1.05 13.13
C SER B 50 21.35 0.26 12.05
N ALA B 51 22.03 -0.25 11.01
CA ALA B 51 21.43 -1.08 9.93
C ALA B 51 20.80 -2.34 10.53
N VAL B 52 21.57 -3.06 11.31
CA VAL B 52 21.17 -4.34 11.94
C VAL B 52 20.01 -4.06 12.90
N MET B 53 20.06 -2.96 13.66
CA MET B 53 19.03 -2.62 14.67
C MET B 53 17.74 -2.25 13.93
N ALA B 54 17.83 -1.39 12.92
CA ALA B 54 16.67 -1.11 12.03
C ALA B 54 16.01 -2.46 11.69
N LEU B 55 16.81 -3.44 11.27
CA LEU B 55 16.31 -4.73 10.75
C LEU B 55 15.62 -5.50 11.88
N GLN B 56 16.18 -5.46 13.09
CA GLN B 56 15.66 -6.21 14.26
C GLN B 56 14.36 -5.56 14.72
N GLU B 57 14.34 -4.23 14.77
CA GLU B 57 13.13 -3.44 15.11
C GLU B 57 12.00 -3.84 14.16
N ALA B 58 12.28 -3.81 12.86
CA ALA B 58 11.26 -4.02 11.80
C ALA B 58 10.80 -5.46 11.88
N CYS B 59 11.75 -6.37 12.08
CA CYS B 59 11.46 -7.82 12.03
C CYS B 59 10.64 -8.20 13.26
N GLU B 60 10.97 -7.67 14.44
CA GLU B 60 10.19 -7.89 15.69
C GLU B 60 8.80 -7.27 15.60
N ALA B 61 8.68 -6.04 15.14
CA ALA B 61 7.34 -5.42 15.01
C ALA B 61 6.48 -6.29 14.06
N TYR B 62 7.04 -6.74 12.95
CA TYR B 62 6.33 -7.59 11.98
C TYR B 62 5.81 -8.83 12.71
N LEU B 63 6.68 -9.53 13.44
CA LEU B 63 6.34 -10.87 14.03
C LEU B 63 5.31 -10.67 15.12
N VAL B 64 5.40 -9.56 15.88
CA VAL B 64 4.40 -9.24 16.94
C VAL B 64 3.02 -8.99 16.28
N GLY B 65 2.97 -8.16 15.23
CA GLY B 65 1.73 -7.91 14.42
C GLY B 65 1.13 -9.23 13.94
N LEU B 66 1.96 -10.15 13.44
CA LEU B 66 1.53 -11.43 12.81
C LEU B 66 0.95 -12.32 13.91
N PHE B 67 1.58 -12.34 15.08
CA PHE B 67 1.08 -13.10 16.25
C PHE B 67 -0.30 -12.56 16.65
N GLU B 68 -0.54 -11.24 16.54
CA GLU B 68 -1.87 -10.67 16.92
C GLU B 68 -2.90 -11.22 15.93
N ASP B 69 -2.62 -11.11 14.64
CA ASP B 69 -3.58 -11.61 13.60
C ASP B 69 -3.78 -13.13 13.77
N THR B 70 -2.67 -13.85 13.99
CA THR B 70 -2.62 -15.31 14.23
C THR B 70 -3.54 -15.64 15.41
N ASN B 71 -3.37 -14.90 16.50
CA ASN B 71 -4.17 -15.06 17.74
C ASN B 71 -5.66 -14.88 17.40
N LEU B 72 -6.00 -13.84 16.65
CA LEU B 72 -7.42 -13.67 16.20
C LEU B 72 -7.89 -14.86 15.36
N CYS B 73 -7.04 -15.41 14.48
CA CYS B 73 -7.42 -16.61 13.66
C CYS B 73 -7.62 -17.83 14.58
N ALA B 74 -6.81 -18.01 15.62
CA ALA B 74 -7.03 -19.13 16.58
C ALA B 74 -8.35 -18.90 17.34
N ILE B 75 -8.55 -17.71 17.89
CA ILE B 75 -9.78 -17.43 18.67
C ILE B 75 -10.98 -17.59 17.75
N HIS B 76 -10.85 -17.24 16.48
CA HIS B 76 -11.99 -17.37 15.54
C HIS B 76 -12.42 -18.83 15.42
N ALA B 77 -11.48 -19.76 15.60
CA ALA B 77 -11.72 -21.22 15.44
C ALA B 77 -12.12 -21.79 16.80
N LYS B 78 -12.45 -20.94 17.77
CA LYS B 78 -12.93 -21.33 19.12
C LYS B 78 -11.79 -22.03 19.86
N ARG B 79 -10.55 -21.61 19.59
CA ARG B 79 -9.37 -22.10 20.35
C ARG B 79 -8.68 -20.93 21.07
N VAL B 80 -7.69 -21.27 21.87
CA VAL B 80 -6.82 -20.27 22.58
C VAL B 80 -5.36 -20.61 22.33
N THR B 81 -5.10 -21.59 21.46
CA THR B 81 -3.74 -22.08 21.12
C THR B 81 -3.44 -21.75 19.67
N ILE B 82 -2.40 -20.96 19.42
CA ILE B 82 -2.03 -20.61 18.02
C ILE B 82 -1.39 -21.85 17.39
N MET B 83 -1.73 -22.10 16.11
CA MET B 83 -1.16 -23.21 15.32
C MET B 83 -0.64 -22.70 13.98
N PRO B 84 0.26 -23.47 13.32
CA PRO B 84 0.66 -23.16 11.95
C PRO B 84 -0.49 -22.70 11.04
N LYS B 85 -1.64 -23.35 11.16
CA LYS B 85 -2.76 -23.04 10.24
C LYS B 85 -3.23 -21.60 10.53
N ASP B 86 -2.97 -21.07 11.73
CA ASP B 86 -3.46 -19.72 12.09
C ASP B 86 -2.48 -18.75 11.44
N ILE B 87 -1.18 -19.02 11.55
CA ILE B 87 -0.13 -18.15 10.95
C ILE B 87 -0.37 -18.13 9.45
N GLN B 88 -0.68 -19.30 8.90
CA GLN B 88 -0.83 -19.49 7.43
C GLN B 88 -2.10 -18.76 6.96
N LEU B 89 -3.19 -18.83 7.72
CA LEU B 89 -4.40 -18.08 7.29
C LEU B 89 -4.12 -16.56 7.33
N ALA B 90 -3.40 -16.07 8.36
CA ALA B 90 -3.14 -14.63 8.55
C ALA B 90 -2.30 -14.13 7.38
N ARG B 91 -1.28 -14.90 6.98
CA ARG B 91 -0.41 -14.54 5.84
C ARG B 91 -1.19 -14.55 4.52
N ARG B 92 -2.11 -15.50 4.33
CA ARG B 92 -2.91 -15.64 3.09
C ARG B 92 -3.81 -14.39 2.96
N ILE B 93 -4.51 -13.99 4.02
CA ILE B 93 -5.48 -12.87 3.92
C ILE B 93 -4.72 -11.54 3.84
N ARG B 94 -3.54 -11.44 4.47
CA ARG B 94 -2.67 -10.24 4.41
C ARG B 94 -2.13 -10.07 2.99
N GLY B 95 -2.16 -11.13 2.18
CA GLY B 95 -1.59 -11.14 0.82
C GLY B 95 -0.10 -11.43 0.80
N GLU B 96 0.49 -12.06 1.83
CA GLU B 96 1.94 -12.41 1.86
C GLU B 96 2.18 -13.71 1.07
N ARG B 97 1.12 -14.42 0.68
CA ARG B 97 1.18 -15.49 -0.35
C ARG B 97 -0.24 -16.05 -0.56
N ALA B 98 -0.36 -17.10 -1.40
CA ALA B 98 -1.57 -17.90 -1.71
C ALA B 98 -2.80 -16.97 -1.91
N VAL C 6 29.81 -27.78 19.99
CA VAL C 6 28.31 -27.82 20.02
C VAL C 6 27.79 -26.79 19.02
N LEU C 7 27.79 -27.12 17.72
CA LEU C 7 27.46 -26.19 16.60
C LEU C 7 26.02 -26.41 16.09
N ARG C 8 25.35 -25.34 15.66
CA ARG C 8 23.92 -25.36 15.22
C ARG C 8 23.68 -24.21 14.23
N ASP C 9 22.62 -24.33 13.43
CA ASP C 9 22.23 -23.33 12.39
C ASP C 9 22.01 -21.96 13.03
N ASN C 10 22.23 -20.89 12.27
CA ASN C 10 22.02 -19.50 12.75
C ASN C 10 20.52 -19.30 13.04
N ILE C 11 19.64 -19.79 12.17
CA ILE C 11 18.16 -19.64 12.34
C ILE C 11 17.72 -20.16 13.72
N GLN C 12 18.30 -21.26 14.19
CA GLN C 12 17.90 -21.93 15.45
C GLN C 12 18.39 -21.08 16.62
N GLY C 13 19.27 -20.12 16.31
CA GLY C 13 19.68 -19.03 17.20
C GLY C 13 18.49 -18.17 17.65
N ILE C 14 17.43 -18.16 16.82
CA ILE C 14 16.08 -17.64 17.14
C ILE C 14 15.36 -18.73 17.95
N THR C 15 15.40 -18.62 19.26
CA THR C 15 15.13 -19.73 20.19
C THR C 15 13.64 -19.77 20.55
N LYS C 16 13.15 -20.94 20.97
CA LYS C 16 11.78 -21.16 21.47
C LYS C 16 11.39 -20.09 22.49
N PRO C 17 12.23 -19.76 23.49
CA PRO C 17 11.87 -18.73 24.48
C PRO C 17 11.74 -17.33 23.87
N ALA C 18 12.67 -16.93 22.98
CA ALA C 18 12.62 -15.64 22.26
C ALA C 18 11.30 -15.50 21.46
N ILE C 19 10.90 -16.57 20.76
CA ILE C 19 9.68 -16.60 19.90
C ILE C 19 8.45 -16.51 20.82
N ARG C 20 8.54 -17.15 21.97
CA ARG C 20 7.52 -17.16 23.05
C ARG C 20 7.27 -15.72 23.52
N ARG C 21 8.35 -14.95 23.74
CA ARG C 21 8.28 -13.51 24.13
C ARG C 21 7.60 -12.69 23.03
N LEU C 22 7.96 -12.91 21.76
CA LEU C 22 7.32 -12.17 20.64
C LEU C 22 5.81 -12.47 20.66
N ALA C 23 5.44 -13.74 20.78
CA ALA C 23 4.03 -14.17 20.85
C ALA C 23 3.31 -13.39 21.96
N ARG C 24 3.93 -13.33 23.13
CA ARG C 24 3.35 -12.78 24.37
C ARG C 24 3.09 -11.30 24.14
N ARG C 25 4.03 -10.60 23.51
CA ARG C 25 3.81 -9.17 23.19
C ARG C 25 2.64 -9.03 22.20
N GLY C 26 2.41 -10.07 21.39
CA GLY C 26 1.26 -10.17 20.48
C GLY C 26 0.00 -10.67 21.16
N GLY C 27 0.00 -10.98 22.47
CA GLY C 27 -1.22 -11.28 23.23
C GLY C 27 -1.60 -12.76 23.26
N VAL C 28 -0.65 -13.66 23.01
CA VAL C 28 -0.92 -15.11 22.77
C VAL C 28 -0.72 -15.86 24.09
N LYS C 29 -1.69 -16.66 24.50
CA LYS C 29 -1.70 -17.33 25.83
C LYS C 29 -1.10 -18.73 25.72
N ARG C 30 -1.38 -19.44 24.63
CA ARG C 30 -0.95 -20.84 24.45
C ARG C 30 -0.36 -21.02 23.05
N ILE C 31 0.69 -21.84 22.93
CA ILE C 31 1.50 -22.00 21.69
C ILE C 31 1.77 -23.48 21.38
N SER C 32 1.34 -23.95 20.22
CA SER C 32 1.63 -25.29 19.66
C SER C 32 3.12 -25.37 19.40
N GLY C 33 3.72 -26.56 19.60
CA GLY C 33 5.16 -26.82 19.39
C GLY C 33 5.59 -26.61 17.95
N LEU C 34 4.68 -26.66 16.96
CA LEU C 34 5.04 -26.50 15.53
C LEU C 34 5.24 -25.00 15.21
N ILE C 35 4.74 -24.11 16.07
CA ILE C 35 4.83 -22.63 15.91
C ILE C 35 6.29 -22.22 15.73
N TYR C 36 7.23 -22.84 16.45
CA TYR C 36 8.62 -22.36 16.53
C TYR C 36 9.25 -22.48 15.15
N GLU C 37 9.03 -23.60 14.46
CA GLU C 37 9.66 -23.79 13.12
C GLU C 37 8.91 -22.93 12.11
N GLU C 38 7.58 -22.93 12.15
CA GLU C 38 6.75 -22.06 11.26
C GLU C 38 7.28 -20.62 11.37
N THR C 39 7.50 -20.12 12.60
CA THR C 39 7.88 -18.71 12.83
C THR C 39 9.27 -18.48 12.24
N ARG C 40 10.21 -19.40 12.46
CA ARG C 40 11.57 -19.30 11.85
C ARG C 40 11.42 -19.17 10.33
N GLY C 41 10.59 -20.01 9.73
CA GLY C 41 10.27 -19.93 8.29
C GLY C 41 9.86 -18.53 7.86
N VAL C 42 8.92 -17.91 8.58
CA VAL C 42 8.31 -16.60 8.20
C VAL C 42 9.39 -15.53 8.36
N LEU C 43 10.14 -15.60 9.46
CA LEU C 43 11.24 -14.65 9.77
C LEU C 43 12.29 -14.63 8.65
N LYS C 44 12.69 -15.82 8.23
CA LYS C 44 13.72 -16.01 7.17
C LYS C 44 13.24 -15.29 5.92
N VAL C 45 11.97 -15.52 5.52
CA VAL C 45 11.39 -14.89 4.30
C VAL C 45 11.40 -13.37 4.47
N PHE C 46 10.94 -12.87 5.61
CA PHE C 46 10.91 -11.41 5.88
C PHE C 46 12.33 -10.85 5.65
N LEU C 47 13.31 -11.40 6.37
CA LEU C 47 14.72 -10.92 6.30
C LEU C 47 15.25 -11.12 4.88
N GLU C 48 15.05 -12.28 4.29
CA GLU C 48 15.39 -12.45 2.85
C GLU C 48 14.83 -11.26 2.05
N ASN C 49 13.53 -10.96 2.15
CA ASN C 49 12.93 -10.00 1.17
C ASN C 49 13.47 -8.58 1.42
N VAL C 50 13.80 -8.25 2.67
CA VAL C 50 14.21 -6.88 3.07
C VAL C 50 15.71 -6.78 2.80
N ILE C 51 16.48 -7.79 3.17
CA ILE C 51 17.97 -7.71 3.03
C ILE C 51 18.30 -7.68 1.55
N ARG C 52 17.57 -8.45 0.75
CA ARG C 52 17.71 -8.39 -0.73
C ARG C 52 17.58 -6.95 -1.23
N ASP C 53 16.55 -6.23 -0.79
CA ASP C 53 16.27 -4.89 -1.36
C ASP C 53 17.37 -3.98 -0.88
N ALA C 54 17.66 -4.02 0.43
CA ALA C 54 18.72 -3.23 1.09
C ALA C 54 20.04 -3.43 0.31
N VAL C 55 20.45 -4.67 0.19
CA VAL C 55 21.73 -4.98 -0.52
C VAL C 55 21.68 -4.40 -1.94
N THR C 56 20.51 -4.41 -2.61
CA THR C 56 20.40 -3.87 -4.00
C THR C 56 20.65 -2.36 -3.98
N TYR C 57 20.23 -1.66 -2.92
CA TYR C 57 20.56 -0.23 -2.72
C TYR C 57 22.06 -0.10 -2.45
N THR C 58 22.64 -0.96 -1.59
CA THR C 58 24.10 -0.95 -1.31
C THR C 58 24.85 -1.04 -2.64
N GLU C 59 24.58 -2.09 -3.43
CA GLU C 59 25.31 -2.34 -4.70
C GLU C 59 25.17 -1.08 -5.54
N HIS C 60 23.95 -0.55 -5.67
CA HIS C 60 23.71 0.62 -6.54
C HIS C 60 24.67 1.77 -6.21
N ALA C 61 24.88 2.05 -4.91
CA ALA C 61 25.69 3.19 -4.40
C ALA C 61 27.17 2.79 -4.43
N LYS C 62 27.48 1.60 -4.90
CA LYS C 62 28.87 1.08 -5.09
C LYS C 62 29.56 1.04 -3.73
N ARG C 63 28.85 0.60 -2.70
CA ARG C 63 29.39 0.50 -1.33
C ARG C 63 29.55 -0.97 -1.01
N LYS C 64 30.23 -1.29 0.10
CA LYS C 64 30.49 -2.66 0.59
C LYS C 64 29.96 -2.75 2.02
N THR C 65 29.25 -1.71 2.45
CA THR C 65 28.63 -1.55 3.78
C THR C 65 27.14 -1.25 3.59
N VAL C 66 26.30 -2.09 4.18
CA VAL C 66 24.83 -1.86 4.24
C VAL C 66 24.57 -0.77 5.28
N THR C 67 23.97 0.36 4.88
CA THR C 67 23.68 1.47 5.81
C THR C 67 22.28 1.34 6.38
N ALA C 68 21.99 2.06 7.47
CA ALA C 68 20.66 2.12 8.07
C ALA C 68 19.67 2.55 6.99
N MET C 69 20.06 3.51 6.15
CA MET C 69 19.20 4.06 5.07
C MET C 69 18.88 3.00 4.02
N ASP C 70 19.84 2.13 3.66
CA ASP C 70 19.57 0.98 2.73
C ASP C 70 18.39 0.17 3.29
N VAL C 71 18.39 -0.04 4.60
CA VAL C 71 17.36 -0.86 5.30
C VAL C 71 16.02 -0.10 5.30
N VAL C 72 16.05 1.18 5.68
CA VAL C 72 14.87 2.06 5.80
C VAL C 72 14.21 2.14 4.41
N TYR C 73 15.00 2.28 3.35
CA TYR C 73 14.48 2.48 1.99
C TYR C 73 13.84 1.17 1.54
N ALA C 74 14.39 0.06 2.02
CA ALA C 74 13.94 -1.30 1.66
C ALA C 74 12.62 -1.58 2.36
N LEU C 75 12.63 -1.34 3.66
CA LEU C 75 11.44 -1.48 4.51
C LEU C 75 10.28 -0.68 3.89
N LYS C 76 10.53 0.55 3.43
CA LYS C 76 9.49 1.44 2.89
C LYS C 76 8.89 0.77 1.65
N ARG C 77 9.70 0.32 0.69
CA ARG C 77 9.13 -0.24 -0.57
C ARG C 77 8.52 -1.62 -0.29
N GLN C 78 8.81 -2.28 0.84
CA GLN C 78 8.15 -3.56 1.22
C GLN C 78 6.85 -3.28 2.03
N GLY C 79 6.42 -2.01 2.09
CA GLY C 79 5.27 -1.56 2.91
C GLY C 79 5.44 -1.81 4.42
N ARG C 80 6.66 -1.69 4.98
CA ARG C 80 6.96 -1.76 6.43
C ARG C 80 7.78 -0.52 6.80
N THR C 81 7.29 0.66 6.48
CA THR C 81 7.95 1.94 6.81
C THR C 81 8.31 1.93 8.28
N LEU C 82 9.59 2.09 8.58
CA LEU C 82 10.17 2.22 9.92
C LEU C 82 10.54 3.69 10.17
N TYR C 83 10.15 4.22 11.31
CA TYR C 83 10.53 5.56 11.79
C TYR C 83 11.63 5.36 12.82
N GLY C 84 12.61 6.26 12.81
CA GLY C 84 13.63 6.44 13.87
C GLY C 84 15.04 6.13 13.40
N PHE C 85 15.25 5.72 12.15
CA PHE C 85 16.60 5.36 11.68
C PHE C 85 17.01 6.24 10.50
N GLY C 86 16.43 7.43 10.40
CA GLY C 86 16.72 8.35 9.30
C GLY C 86 15.63 8.31 8.25
N GLY C 87 15.68 9.23 7.29
CA GLY C 87 14.81 9.30 6.11
C GLY C 87 13.58 10.11 6.41
N LYS D 1 18.80 9.50 -44.51
CA LYS D 1 19.37 8.55 -43.49
C LYS D 1 18.83 8.91 -42.09
N ALA D 2 17.50 9.04 -41.94
CA ALA D 2 16.83 9.19 -40.62
C ALA D 2 16.48 7.81 -40.06
N LYS D 3 17.28 7.33 -39.10
CA LYS D 3 16.99 6.12 -38.28
C LYS D 3 16.19 6.55 -37.05
N THR D 4 15.20 5.76 -36.63
CA THR D 4 14.59 5.88 -35.27
C THR D 4 15.56 5.25 -34.26
N ARG D 5 15.52 5.70 -33.02
CA ARG D 5 16.32 5.14 -31.90
C ARG D 5 15.80 3.74 -31.54
N SER D 6 14.50 3.52 -31.77
CA SER D 6 13.86 2.18 -31.75
C SER D 6 14.60 1.25 -32.72
N SER D 7 14.75 1.61 -34.01
CA SER D 7 15.51 0.80 -35.01
C SER D 7 16.99 0.70 -34.56
N ARG D 8 17.62 1.78 -34.14
CA ARG D 8 19.02 1.72 -33.66
C ARG D 8 19.16 0.65 -32.58
N ALA D 9 18.16 0.51 -31.71
CA ALA D 9 18.22 -0.39 -30.52
C ALA D 9 17.61 -1.77 -30.84
N GLY D 10 16.86 -1.91 -31.93
CA GLY D 10 16.25 -3.16 -32.39
C GLY D 10 14.98 -3.49 -31.62
N LEU D 11 14.06 -2.51 -31.52
CA LEU D 11 12.87 -2.54 -30.62
C LEU D 11 11.62 -2.11 -31.40
N GLN D 12 10.51 -2.77 -31.12
CA GLN D 12 9.17 -2.33 -31.58
C GLN D 12 8.71 -1.12 -30.75
N PHE D 13 9.05 -1.05 -29.46
CA PHE D 13 8.53 -0.03 -28.50
C PHE D 13 9.23 1.31 -28.74
N PRO D 14 8.51 2.44 -28.65
CA PRO D 14 9.01 3.74 -29.12
C PRO D 14 9.93 4.42 -28.10
N VAL D 15 11.23 4.48 -28.43
CA VAL D 15 12.27 5.04 -27.52
C VAL D 15 12.03 6.55 -27.36
N GLY D 16 11.63 7.22 -28.44
CA GLY D 16 11.38 8.66 -28.47
C GLY D 16 10.29 9.04 -27.49
N ARG D 17 9.10 8.48 -27.70
CA ARG D 17 7.96 8.52 -26.74
C ARG D 17 8.47 8.36 -25.30
N VAL D 18 9.20 7.29 -25.02
CA VAL D 18 9.58 6.90 -23.64
C VAL D 18 10.58 7.93 -23.09
N HIS D 19 11.49 8.43 -23.93
CA HIS D 19 12.44 9.51 -23.55
C HIS D 19 11.62 10.70 -23.06
N ARG D 20 10.61 11.10 -23.85
CA ARG D 20 9.75 12.26 -23.61
C ARG D 20 8.94 12.04 -22.33
N LEU D 21 8.21 10.94 -22.22
CA LEU D 21 7.39 10.65 -21.00
C LEU D 21 8.31 10.71 -19.77
N LEU D 22 9.58 10.31 -19.85
CA LEU D 22 10.50 10.46 -18.67
C LEU D 22 10.77 11.96 -18.39
N ARG D 23 10.76 12.77 -19.43
CA ARG D 23 11.03 14.24 -19.41
C ARG D 23 9.86 14.94 -18.70
N LYS D 24 8.65 14.74 -19.18
CA LYS D 24 7.44 15.47 -18.73
C LYS D 24 6.94 14.93 -17.37
N GLY D 25 7.49 13.81 -16.89
CA GLY D 25 7.01 13.12 -15.68
C GLY D 25 7.70 13.60 -14.42
N ASN D 26 8.71 14.46 -14.56
CA ASN D 26 9.49 15.06 -13.43
C ASN D 26 10.00 13.93 -12.52
N TYR D 27 10.68 12.97 -13.12
CA TYR D 27 11.35 11.89 -12.40
C TYR D 27 12.71 12.43 -11.93
N SER D 28 13.32 13.30 -12.74
CA SER D 28 14.71 13.77 -12.54
C SER D 28 15.02 15.01 -13.40
N GLU D 29 16.04 15.77 -13.02
CA GLU D 29 16.48 16.98 -13.77
C GLU D 29 16.84 16.58 -15.21
N ARG D 30 17.62 15.51 -15.34
CA ARG D 30 18.23 15.05 -16.61
C ARG D 30 18.00 13.54 -16.79
N VAL D 31 18.04 13.10 -18.04
CA VAL D 31 17.75 11.70 -18.46
C VAL D 31 18.85 11.25 -19.41
N GLY D 32 19.61 10.24 -19.03
CA GLY D 32 20.64 9.58 -19.87
C GLY D 32 20.08 9.07 -21.18
N ALA D 33 20.95 8.91 -22.18
CA ALA D 33 20.66 8.34 -23.52
C ALA D 33 20.18 6.88 -23.40
N GLY D 34 20.79 6.09 -22.52
CA GLY D 34 20.44 4.67 -22.29
C GLY D 34 19.06 4.48 -21.67
N ALA D 35 18.73 5.29 -20.65
CA ALA D 35 17.52 5.15 -19.81
C ALA D 35 16.31 4.77 -20.65
N PRO D 36 15.89 5.62 -21.60
CA PRO D 36 14.68 5.33 -22.37
C PRO D 36 14.79 4.07 -23.24
N VAL D 37 16.00 3.73 -23.65
CA VAL D 37 16.25 2.51 -24.48
C VAL D 37 16.03 1.31 -23.57
N TYR D 38 16.67 1.29 -22.40
CA TYR D 38 16.55 0.18 -21.43
C TYR D 38 15.08 0.03 -21.00
N LEU D 39 14.39 1.15 -20.80
CA LEU D 39 13.00 1.12 -20.26
C LEU D 39 12.05 0.63 -21.37
N ALA D 40 12.22 1.12 -22.60
CA ALA D 40 11.35 0.72 -23.74
C ALA D 40 11.47 -0.79 -23.99
N ALA D 41 12.68 -1.34 -23.77
CA ALA D 41 13.04 -2.76 -23.98
C ALA D 41 12.29 -3.61 -22.95
N VAL D 42 12.39 -3.19 -21.69
CA VAL D 42 11.78 -3.89 -20.52
C VAL D 42 10.27 -3.92 -20.73
N LEU D 43 9.70 -2.77 -21.05
CA LEU D 43 8.23 -2.67 -21.26
C LEU D 43 7.87 -3.66 -22.35
N GLU D 44 8.65 -3.68 -23.44
CA GLU D 44 8.41 -4.55 -24.63
C GLU D 44 8.51 -6.01 -24.20
N TYR D 45 9.54 -6.35 -23.40
CA TYR D 45 9.77 -7.73 -22.95
C TYR D 45 8.50 -8.17 -22.20
N LEU D 46 8.08 -7.37 -21.21
CA LEU D 46 6.91 -7.73 -20.35
C LEU D 46 5.65 -7.77 -21.22
N THR D 47 5.49 -6.91 -22.22
CA THR D 47 4.22 -6.99 -22.99
C THR D 47 4.30 -8.23 -23.86
N ALA D 48 5.51 -8.76 -24.12
CA ALA D 48 5.68 -9.96 -24.96
C ALA D 48 5.35 -11.20 -24.12
N GLU D 49 5.81 -11.22 -22.89
CA GLU D 49 5.53 -12.29 -21.92
C GLU D 49 4.01 -12.44 -21.78
N ILE D 50 3.31 -11.34 -21.51
CA ILE D 50 1.84 -11.37 -21.27
C ILE D 50 1.11 -11.83 -22.55
N LEU D 51 1.44 -11.26 -23.71
CA LEU D 51 0.72 -11.62 -24.97
C LEU D 51 1.01 -13.06 -25.36
N GLU D 52 2.19 -13.60 -25.08
CA GLU D 52 2.50 -15.04 -25.34
C GLU D 52 1.47 -15.87 -24.56
N LEU D 53 1.39 -15.68 -23.25
CA LEU D 53 0.58 -16.55 -22.34
C LEU D 53 -0.90 -16.30 -22.60
N ALA D 54 -1.29 -15.07 -22.86
CA ALA D 54 -2.70 -14.74 -23.15
C ALA D 54 -3.08 -15.33 -24.50
N GLY D 55 -2.20 -15.23 -25.49
CA GLY D 55 -2.42 -15.93 -26.77
C GLY D 55 -2.77 -17.39 -26.54
N ASN D 56 -2.06 -18.04 -25.64
CA ASN D 56 -2.23 -19.48 -25.38
C ASN D 56 -3.56 -19.72 -24.71
N ALA D 57 -4.04 -18.83 -23.85
CA ALA D 57 -5.37 -18.99 -23.23
C ALA D 57 -6.43 -18.80 -24.33
N ALA D 58 -6.23 -17.84 -25.24
CA ALA D 58 -7.10 -17.62 -26.41
C ALA D 58 -7.29 -18.94 -27.17
N ARG D 59 -6.20 -19.55 -27.63
CA ARG D 59 -6.21 -20.81 -28.43
C ARG D 59 -6.89 -21.92 -27.63
N ASP D 60 -6.49 -22.10 -26.36
CA ASP D 60 -7.03 -23.15 -25.44
C ASP D 60 -8.56 -23.06 -25.36
N ASN D 61 -9.15 -21.85 -25.48
CA ASN D 61 -10.61 -21.58 -25.30
C ASN D 61 -11.20 -21.48 -26.70
N LYS D 62 -10.48 -22.05 -27.66
CA LYS D 62 -10.91 -22.20 -29.08
C LYS D 62 -11.21 -20.84 -29.70
N LYS D 63 -10.47 -19.79 -29.34
CA LYS D 63 -10.70 -18.40 -29.84
C LYS D 63 -9.44 -17.85 -30.47
N THR D 64 -9.62 -16.82 -31.27
CA THR D 64 -8.64 -16.16 -32.16
C THR D 64 -8.31 -14.76 -31.66
N ARG D 65 -9.24 -14.14 -30.93
CA ARG D 65 -9.08 -12.76 -30.41
C ARG D 65 -8.86 -12.86 -28.89
N ILE D 66 -7.71 -12.38 -28.43
CA ILE D 66 -7.41 -12.22 -26.96
C ILE D 66 -8.43 -11.24 -26.36
N ILE D 67 -9.27 -11.66 -25.40
CA ILE D 67 -10.13 -10.74 -24.59
C ILE D 67 -9.56 -10.61 -23.17
N PRO D 68 -10.16 -9.75 -22.31
CA PRO D 68 -9.62 -9.53 -20.96
C PRO D 68 -9.57 -10.82 -20.18
N ARG D 69 -10.52 -11.72 -20.38
CA ARG D 69 -10.53 -12.99 -19.61
C ARG D 69 -9.20 -13.69 -19.93
N HIS D 70 -8.74 -13.66 -21.19
CA HIS D 70 -7.50 -14.40 -21.59
C HIS D 70 -6.33 -13.79 -20.83
N LEU D 71 -6.33 -12.46 -20.66
CA LEU D 71 -5.23 -11.76 -19.94
C LEU D 71 -5.28 -12.15 -18.45
N GLN D 72 -6.48 -12.25 -17.90
CA GLN D 72 -6.63 -12.62 -16.47
C GLN D 72 -6.14 -14.07 -16.26
N LEU D 73 -6.57 -15.00 -17.09
CA LEU D 73 -6.12 -16.43 -16.95
C LEU D 73 -4.60 -16.48 -17.12
N ALA D 74 -4.05 -15.70 -18.03
CA ALA D 74 -2.58 -15.72 -18.26
C ALA D 74 -1.87 -15.20 -17.00
N ILE D 75 -2.31 -14.03 -16.51
CA ILE D 75 -1.64 -13.38 -15.37
C ILE D 75 -1.87 -14.24 -14.13
N ARG D 76 -3.10 -14.65 -13.85
CA ARG D 76 -3.32 -15.36 -12.56
C ARG D 76 -2.73 -16.78 -12.63
N ASN D 77 -2.43 -17.35 -13.81
CA ASN D 77 -1.88 -18.74 -13.84
C ASN D 77 -0.33 -18.73 -13.79
N ASP D 78 0.30 -17.56 -13.87
CA ASP D 78 1.76 -17.39 -13.84
C ASP D 78 2.19 -16.82 -12.48
N GLU D 79 3.00 -17.56 -11.72
CA GLU D 79 3.36 -17.13 -10.35
C GLU D 79 3.94 -15.70 -10.41
N GLU D 80 4.77 -15.40 -11.40
CA GLU D 80 5.56 -14.14 -11.39
C GLU D 80 4.70 -12.97 -11.85
N LEU D 81 3.90 -13.14 -12.89
CA LEU D 81 3.03 -12.06 -13.38
C LEU D 81 1.96 -11.78 -12.32
N ASN D 82 1.46 -12.80 -11.67
CA ASN D 82 0.46 -12.70 -10.60
C ASN D 82 1.00 -11.85 -9.43
N LYS D 83 2.25 -12.04 -9.02
CA LYS D 83 2.87 -11.20 -7.98
C LYS D 83 3.07 -9.77 -8.52
N LEU D 84 3.58 -9.61 -9.74
CA LEU D 84 3.84 -8.22 -10.25
C LEU D 84 2.52 -7.44 -10.23
N LEU D 85 1.42 -8.12 -10.52
CA LEU D 85 0.08 -7.50 -10.70
C LEU D 85 -0.85 -7.91 -9.54
N GLY D 86 -0.29 -8.22 -8.36
CA GLY D 86 -1.12 -8.73 -7.25
C GLY D 86 -2.09 -7.70 -6.67
N ARG D 87 -1.88 -6.40 -6.90
CA ARG D 87 -2.77 -5.29 -6.42
C ARG D 87 -3.44 -4.62 -7.63
N VAL D 88 -3.78 -5.37 -8.66
CA VAL D 88 -4.35 -4.81 -9.91
C VAL D 88 -5.60 -5.64 -10.21
N THR D 89 -6.63 -4.98 -10.65
CA THR D 89 -7.90 -5.57 -11.10
C THR D 89 -7.92 -5.42 -12.61
N ILE D 90 -8.17 -6.52 -13.29
CA ILE D 90 -8.35 -6.58 -14.76
C ILE D 90 -9.83 -6.52 -15.03
N ALA D 91 -10.32 -5.37 -15.52
CA ALA D 91 -11.76 -5.19 -15.89
C ALA D 91 -12.17 -6.33 -16.79
N GLN D 92 -13.30 -6.98 -16.50
CA GLN D 92 -13.96 -8.00 -17.36
C GLN D 92 -13.08 -9.26 -17.41
N GLY D 93 -12.26 -9.43 -16.36
CA GLY D 93 -11.31 -10.55 -16.26
C GLY D 93 -11.84 -11.73 -15.50
N GLY D 94 -12.78 -11.50 -14.58
CA GLY D 94 -13.35 -12.54 -13.69
C GLY D 94 -12.29 -13.16 -12.81
N VAL D 95 -12.51 -14.37 -12.28
CA VAL D 95 -11.52 -15.10 -11.42
C VAL D 95 -11.24 -16.50 -12.00
N LEU D 96 -10.24 -17.16 -11.43
CA LEU D 96 -9.87 -18.55 -11.73
C LEU D 96 -10.92 -19.47 -11.15
N PRO D 97 -11.43 -20.45 -11.92
CA PRO D 97 -12.20 -21.53 -11.31
C PRO D 97 -11.36 -22.08 -10.15
N ASN D 98 -11.97 -22.20 -8.98
CA ASN D 98 -11.34 -22.64 -7.71
C ASN D 98 -12.40 -22.78 -6.63
N ILE D 99 -12.66 -24.03 -6.26
CA ILE D 99 -13.56 -24.48 -5.16
C ILE D 99 -12.72 -25.14 -4.05
N GLN D 100 -12.82 -24.65 -2.82
CA GLN D 100 -12.18 -25.24 -1.62
C GLN D 100 -12.67 -26.68 -1.46
N ALA D 101 -11.74 -27.63 -1.32
CA ALA D 101 -11.98 -29.09 -1.38
C ALA D 101 -13.13 -29.48 -0.43
N VAL D 102 -13.20 -28.89 0.76
CA VAL D 102 -14.19 -29.32 1.80
C VAL D 102 -15.61 -29.03 1.30
N LEU D 103 -15.78 -28.08 0.38
CA LEU D 103 -17.12 -27.70 -0.11
C LEU D 103 -17.67 -28.79 -1.05
N LEU D 104 -16.82 -29.62 -1.65
CA LEU D 104 -17.25 -30.65 -2.64
C LEU D 104 -18.04 -31.73 -1.90
N PRO D 105 -19.05 -32.37 -2.54
CA PRO D 105 -19.85 -33.40 -1.86
C PRO D 105 -19.17 -34.76 -1.63
N LYS D 106 -19.80 -35.60 -0.79
CA LYS D 106 -19.67 -37.09 -0.71
C LYS D 106 -18.48 -37.46 0.18
N LYS D 107 -18.16 -38.77 0.27
CA LYS D 107 -17.04 -39.33 1.09
C LYS D 107 -16.30 -40.41 0.27
N ARG E 1 -11.10 16.07 -31.32
CA ARG E 1 -10.15 15.26 -32.16
C ARG E 1 -8.70 15.59 -31.78
N SER E 2 -8.46 15.99 -30.53
CA SER E 2 -7.10 16.26 -30.01
C SER E 2 -6.36 14.93 -29.86
N ARG E 3 -5.18 14.80 -30.48
CA ARG E 3 -4.43 13.53 -30.63
C ARG E 3 -4.24 12.93 -29.22
N LYS E 4 -4.99 11.87 -28.87
CA LYS E 4 -4.76 11.08 -27.63
C LYS E 4 -3.98 9.82 -28.02
N GLU E 5 -2.76 9.72 -27.51
CA GLU E 5 -1.76 8.71 -27.91
C GLU E 5 -1.84 7.48 -26.97
N SER E 6 -1.44 6.30 -27.45
CA SER E 6 -1.39 5.03 -26.68
C SER E 6 -0.24 4.16 -27.17
N TYR E 7 -0.13 2.95 -26.64
CA TYR E 7 0.97 2.03 -26.98
C TYR E 7 0.40 0.93 -27.87
N SER E 8 -0.85 1.08 -28.27
CA SER E 8 -1.62 0.09 -29.08
C SER E 8 -0.78 -0.46 -30.22
N VAL E 9 -0.22 0.45 -31.01
CA VAL E 9 0.47 0.13 -32.30
C VAL E 9 1.57 -0.88 -31.98
N TYR E 10 2.24 -0.69 -30.85
CA TYR E 10 3.47 -1.42 -30.46
C TYR E 10 3.07 -2.72 -29.80
N VAL E 11 2.00 -2.65 -28.99
CA VAL E 11 1.42 -3.88 -28.40
C VAL E 11 1.09 -4.85 -29.54
N TYR E 12 0.41 -4.34 -30.59
CA TYR E 12 -0.09 -5.12 -31.77
C TYR E 12 1.10 -5.67 -32.58
N LYS E 13 2.13 -4.88 -32.83
CA LYS E 13 3.37 -5.39 -33.43
C LYS E 13 3.79 -6.64 -32.65
N VAL E 14 3.94 -6.51 -31.33
CA VAL E 14 4.55 -7.58 -30.48
C VAL E 14 3.59 -8.76 -30.46
N LEU E 15 2.28 -8.49 -30.42
CA LEU E 15 1.26 -9.57 -30.58
C LEU E 15 1.58 -10.39 -31.87
N LYS E 16 1.96 -9.70 -32.95
CA LYS E 16 2.06 -10.33 -34.30
C LYS E 16 3.35 -11.11 -34.36
N GLN E 17 4.38 -10.66 -33.63
CA GLN E 17 5.63 -11.41 -33.48
C GLN E 17 5.36 -12.76 -32.77
N VAL E 18 4.52 -12.82 -31.72
CA VAL E 18 4.51 -14.02 -30.82
C VAL E 18 3.41 -14.97 -31.22
N HIS E 19 2.31 -14.40 -31.73
CA HIS E 19 1.12 -15.17 -32.16
C HIS E 19 0.60 -14.58 -33.46
N PRO E 20 1.23 -14.95 -34.60
CA PRO E 20 0.99 -14.26 -35.86
C PRO E 20 -0.49 -14.25 -36.28
N ASP E 21 -1.27 -15.22 -35.86
CA ASP E 21 -2.67 -15.34 -36.34
C ASP E 21 -3.64 -14.91 -35.25
N THR E 22 -3.20 -14.24 -34.19
CA THR E 22 -4.06 -13.93 -33.03
C THR E 22 -4.42 -12.44 -33.10
N GLY E 23 -5.70 -12.14 -32.90
CA GLY E 23 -6.18 -10.77 -32.69
C GLY E 23 -6.25 -10.39 -31.21
N ILE E 24 -6.73 -9.17 -30.94
CA ILE E 24 -6.90 -8.63 -29.56
C ILE E 24 -8.09 -7.66 -29.61
N SER E 25 -9.12 -7.88 -28.78
CA SER E 25 -10.28 -6.95 -28.62
C SER E 25 -9.76 -5.60 -28.13
N SER E 26 -10.55 -4.53 -28.31
CA SER E 26 -10.18 -3.16 -27.89
C SER E 26 -10.15 -3.03 -26.34
N LYS E 27 -10.98 -3.78 -25.63
CA LYS E 27 -10.94 -3.86 -24.14
C LYS E 27 -9.61 -4.49 -23.72
N ALA E 28 -9.26 -5.63 -24.33
CA ALA E 28 -7.97 -6.30 -24.03
C ALA E 28 -6.88 -5.30 -24.33
N MET E 29 -6.98 -4.63 -25.46
CA MET E 29 -5.97 -3.58 -25.80
C MET E 29 -5.98 -2.47 -24.73
N GLY E 30 -7.16 -2.12 -24.18
CA GLY E 30 -7.34 -1.17 -23.06
C GLY E 30 -6.51 -1.59 -21.86
N ILE E 31 -6.62 -2.88 -21.51
CA ILE E 31 -5.86 -3.49 -20.40
C ILE E 31 -4.35 -3.46 -20.63
N MET E 32 -3.85 -3.89 -21.78
CA MET E 32 -2.41 -3.86 -22.15
C MET E 32 -1.85 -2.44 -22.02
N ASN E 33 -2.65 -1.49 -22.48
CA ASN E 33 -2.32 -0.05 -22.38
C ASN E 33 -2.17 0.43 -20.92
N SER E 34 -3.08 0.01 -20.05
CA SER E 34 -3.02 0.30 -18.58
C SER E 34 -1.74 -0.35 -18.03
N PHE E 35 -1.47 -1.59 -18.43
CA PHE E 35 -0.34 -2.39 -17.91
C PHE E 35 0.97 -1.69 -18.23
N VAL E 36 1.16 -1.27 -19.48
CA VAL E 36 2.42 -0.58 -19.87
C VAL E 36 2.53 0.73 -19.10
N ASN E 37 1.48 1.55 -19.11
CA ASN E 37 1.48 2.83 -18.34
C ASN E 37 1.84 2.56 -16.88
N ASP E 38 1.27 1.52 -16.27
CA ASP E 38 1.46 1.24 -14.83
C ASP E 38 2.94 0.85 -14.62
N ILE E 39 3.50 -0.08 -15.41
CA ILE E 39 4.90 -0.57 -15.18
C ILE E 39 5.87 0.58 -15.47
N PHE E 40 5.54 1.40 -16.48
CA PHE E 40 6.35 2.61 -16.77
C PHE E 40 6.51 3.42 -15.48
N GLU E 41 5.38 3.81 -14.87
CA GLU E 41 5.35 4.69 -13.67
C GLU E 41 6.14 4.02 -12.56
N ARG E 42 5.87 2.74 -12.31
CA ARG E 42 6.54 2.07 -11.20
C ARG E 42 8.06 2.11 -11.41
N ILE E 43 8.55 1.78 -12.62
CA ILE E 43 10.03 1.74 -12.88
C ILE E 43 10.60 3.15 -12.79
N ALA E 44 9.92 4.10 -13.42
CA ALA E 44 10.36 5.52 -13.43
C ALA E 44 10.37 6.04 -11.97
N GLY E 45 9.36 5.66 -11.18
CA GLY E 45 9.25 6.08 -9.76
C GLY E 45 10.40 5.55 -8.93
N GLU E 46 10.65 4.23 -8.96
CA GLU E 46 11.84 3.67 -8.26
C GLU E 46 13.10 4.38 -8.75
N ALA E 47 13.26 4.58 -10.04
CA ALA E 47 14.46 5.22 -10.63
C ALA E 47 14.57 6.63 -10.05
N SER E 48 13.50 7.43 -10.11
CA SER E 48 13.51 8.82 -9.57
C SER E 48 14.14 8.86 -8.18
N ARG E 49 13.58 8.03 -7.31
CA ARG E 49 13.87 7.89 -5.85
C ARG E 49 15.32 7.47 -5.67
N LEU E 50 15.68 6.34 -6.29
CA LEU E 50 17.05 5.77 -6.31
C LEU E 50 18.09 6.87 -6.61
N ALA E 51 17.87 7.66 -7.67
CA ALA E 51 18.69 8.84 -8.02
C ALA E 51 18.70 9.86 -6.87
N HIS E 52 17.53 10.29 -6.39
CA HIS E 52 17.42 11.20 -5.22
C HIS E 52 18.23 10.60 -4.07
N TYR E 53 18.05 9.32 -3.73
CA TYR E 53 18.71 8.66 -2.58
C TYR E 53 20.24 8.79 -2.71
N ASN E 54 20.76 8.91 -3.94
CA ASN E 54 22.23 8.98 -4.22
C ASN E 54 22.66 10.38 -4.65
N LYS E 55 21.87 11.41 -4.34
CA LYS E 55 22.21 12.85 -4.62
C LYS E 55 22.69 13.00 -6.08
N ARG E 56 22.10 12.24 -7.00
CA ARG E 56 22.29 12.33 -8.47
C ARG E 56 21.11 13.07 -9.05
N SER E 57 21.26 13.64 -10.24
CA SER E 57 20.21 14.43 -10.92
C SER E 57 19.92 13.81 -12.29
N THR E 58 20.54 12.66 -12.58
CA THR E 58 20.39 11.96 -13.88
C THR E 58 19.86 10.56 -13.61
N ILE E 59 18.80 10.20 -14.33
CA ILE E 59 18.31 8.81 -14.48
C ILE E 59 19.03 8.21 -15.70
N THR E 60 19.95 7.28 -15.44
CA THR E 60 20.65 6.50 -16.49
C THR E 60 20.06 5.08 -16.58
N SER E 61 20.52 4.30 -17.55
CA SER E 61 20.13 2.88 -17.69
C SER E 61 20.54 2.16 -16.40
N ARG E 62 21.53 2.65 -15.68
CA ARG E 62 21.93 2.08 -14.36
C ARG E 62 20.80 2.23 -13.33
N GLU E 63 20.08 3.36 -13.30
CA GLU E 63 18.94 3.55 -12.36
C GLU E 63 17.77 2.68 -12.83
N ILE E 64 17.45 2.68 -14.13
CA ILE E 64 16.38 1.80 -14.69
C ILE E 64 16.65 0.37 -14.24
N GLN E 65 17.89 -0.06 -14.39
CA GLN E 65 18.23 -1.48 -14.20
C GLN E 65 17.97 -1.84 -12.73
N THR E 66 18.49 -1.08 -11.76
CA THR E 66 18.25 -1.33 -10.32
C THR E 66 16.73 -1.30 -10.05
N ALA E 67 16.01 -0.34 -10.64
CA ALA E 67 14.56 -0.19 -10.47
C ALA E 67 13.91 -1.49 -10.92
N VAL E 68 14.31 -2.01 -12.09
CA VAL E 68 13.82 -3.32 -12.59
C VAL E 68 14.13 -4.44 -11.59
N ARG E 69 15.30 -4.44 -10.94
CA ARG E 69 15.68 -5.52 -9.97
C ARG E 69 14.86 -5.42 -8.69
N LEU E 70 14.53 -4.19 -8.27
CA LEU E 70 13.63 -3.97 -7.12
C LEU E 70 12.17 -4.34 -7.44
N LEU E 71 11.66 -4.08 -8.63
CA LEU E 71 10.20 -4.17 -8.94
C LEU E 71 9.79 -5.53 -9.48
N LEU E 72 10.56 -6.13 -10.38
CA LEU E 72 10.16 -7.41 -10.97
C LEU E 72 10.62 -8.54 -10.09
N PRO E 73 9.81 -9.62 -9.99
CA PRO E 73 10.28 -10.85 -9.34
C PRO E 73 11.28 -11.63 -10.20
N GLY E 74 12.11 -12.42 -9.51
CA GLY E 74 13.25 -13.22 -9.98
C GLY E 74 13.43 -13.28 -11.49
N GLU E 75 12.71 -14.19 -12.13
CA GLU E 75 12.95 -14.59 -13.53
C GLU E 75 12.59 -13.44 -14.48
N LEU E 76 11.51 -12.69 -14.21
CA LEU E 76 11.09 -11.59 -15.11
C LEU E 76 12.18 -10.51 -15.04
N ALA E 77 12.76 -10.31 -13.85
CA ALA E 77 13.90 -9.40 -13.63
C ALA E 77 15.03 -9.85 -14.57
N LYS E 78 15.49 -11.10 -14.40
CA LYS E 78 16.62 -11.70 -15.16
C LYS E 78 16.43 -11.37 -16.64
N HIS E 79 15.28 -11.74 -17.21
CA HIS E 79 15.08 -11.62 -18.67
C HIS E 79 14.95 -10.14 -19.06
N ALA E 80 14.23 -9.35 -18.26
CA ALA E 80 14.04 -7.90 -18.49
C ALA E 80 15.43 -7.23 -18.56
N VAL E 81 16.27 -7.44 -17.55
CA VAL E 81 17.68 -6.94 -17.47
C VAL E 81 18.46 -7.34 -18.73
N SER E 82 18.37 -8.59 -19.21
CA SER E 82 19.05 -9.04 -20.46
C SER E 82 18.57 -8.19 -21.63
N GLU E 83 17.25 -8.12 -21.83
CA GLU E 83 16.69 -7.43 -23.02
C GLU E 83 17.11 -5.94 -23.00
N GLY E 84 17.23 -5.36 -21.81
CA GLY E 84 17.56 -3.93 -21.62
C GLY E 84 19.07 -3.69 -21.78
N THR E 85 19.90 -4.53 -21.20
CA THR E 85 21.37 -4.47 -21.44
C THR E 85 21.60 -4.62 -22.96
N LYS E 86 20.96 -5.59 -23.59
CA LYS E 86 21.13 -5.90 -25.03
C LYS E 86 20.72 -4.71 -25.89
N ALA E 87 19.57 -4.11 -25.60
CA ALA E 87 19.04 -2.95 -26.35
C ALA E 87 19.98 -1.75 -26.23
N VAL E 88 20.69 -1.62 -25.11
CA VAL E 88 21.52 -0.42 -24.80
C VAL E 88 22.88 -0.59 -25.49
N THR E 89 23.64 -1.60 -25.11
CA THR E 89 24.87 -2.05 -25.82
C THR E 89 24.66 -1.93 -27.33
N LYS E 90 23.59 -2.52 -27.86
CA LYS E 90 23.28 -2.41 -29.30
C LYS E 90 23.18 -0.93 -29.68
N TYR E 91 22.27 -0.19 -29.05
CA TYR E 91 21.94 1.21 -29.41
C TYR E 91 23.21 2.08 -29.46
N THR E 92 24.13 1.85 -28.52
CA THR E 92 25.44 2.52 -28.37
C THR E 92 26.37 2.13 -29.51
N SER E 93 26.50 0.83 -29.74
CA SER E 93 27.37 0.21 -30.79
C SER E 93 26.63 0.20 -32.13
N ALA E 94 25.56 1.02 -32.26
CA ALA E 94 24.91 1.39 -33.54
C ALA E 94 24.95 2.93 -33.67
N LYS E 95 26.17 3.46 -33.73
CA LYS E 95 26.42 4.92 -33.93
C LYS E 95 27.92 5.12 -34.18
N PRO F 1 -41.72 -34.80 -9.59
CA PRO F 1 -40.96 -33.71 -8.95
C PRO F 1 -39.68 -34.22 -8.27
N HIS F 2 -38.51 -33.81 -8.75
CA HIS F 2 -37.18 -34.31 -8.31
C HIS F 2 -36.30 -33.10 -7.94
N ARG F 3 -35.95 -33.03 -6.66
CA ARG F 3 -35.22 -31.91 -6.00
C ARG F 3 -33.72 -32.22 -6.03
N TYR F 4 -32.91 -31.22 -6.33
CA TYR F 4 -31.45 -31.31 -6.03
C TYR F 4 -31.34 -31.16 -4.51
N ARG F 5 -30.39 -31.85 -3.88
CA ARG F 5 -30.08 -31.68 -2.44
C ARG F 5 -29.47 -30.29 -2.20
N PRO F 6 -29.68 -29.70 -1.01
CA PRO F 6 -28.93 -28.50 -0.62
C PRO F 6 -27.42 -28.61 -0.88
N GLY F 7 -26.85 -27.63 -1.60
CA GLY F 7 -25.41 -27.60 -1.95
C GLY F 7 -25.21 -27.78 -3.45
N THR F 8 -26.10 -28.52 -4.12
CA THR F 8 -25.87 -29.02 -5.50
C THR F 8 -26.00 -27.83 -6.45
N VAL F 9 -27.03 -26.99 -6.23
CA VAL F 9 -27.25 -25.81 -7.12
C VAL F 9 -26.20 -24.76 -6.74
N ALA F 10 -25.94 -24.56 -5.43
CA ALA F 10 -24.87 -23.66 -4.97
C ALA F 10 -23.53 -24.02 -5.66
N LEU F 11 -23.09 -25.29 -5.70
CA LEU F 11 -21.86 -25.68 -6.50
C LEU F 11 -22.02 -25.43 -8.01
N ARG F 12 -23.19 -25.67 -8.61
CA ARG F 12 -23.44 -25.40 -10.05
C ARG F 12 -23.22 -23.90 -10.30
N GLU F 13 -23.61 -23.06 -9.33
CA GLU F 13 -23.59 -21.58 -9.46
C GLU F 13 -22.14 -21.11 -9.31
N ILE F 14 -21.39 -21.65 -8.34
CA ILE F 14 -19.91 -21.40 -8.22
C ILE F 14 -19.29 -21.71 -9.59
N ARG F 15 -19.58 -22.88 -10.15
CA ARG F 15 -18.90 -23.27 -11.42
C ARG F 15 -19.27 -22.25 -12.48
N ARG F 16 -20.54 -21.89 -12.56
CA ARG F 16 -21.06 -21.04 -13.66
C ARG F 16 -20.47 -19.63 -13.51
N TYR F 17 -20.45 -19.05 -12.30
CA TYR F 17 -20.03 -17.64 -12.10
C TYR F 17 -18.50 -17.52 -12.16
N GLN F 18 -17.77 -18.56 -11.75
CA GLN F 18 -16.29 -18.62 -11.86
C GLN F 18 -15.85 -18.79 -13.32
N LYS F 19 -16.77 -19.12 -14.22
CA LYS F 19 -16.45 -19.36 -15.65
C LYS F 19 -16.63 -18.05 -16.39
N SER F 20 -17.47 -17.17 -15.85
CA SER F 20 -17.91 -15.98 -16.61
C SER F 20 -17.33 -14.73 -15.99
N THR F 21 -17.44 -13.60 -16.72
CA THR F 21 -16.88 -12.28 -16.31
C THR F 21 -17.94 -11.13 -16.27
N GLU F 22 -19.19 -11.41 -16.59
CA GLU F 22 -20.24 -10.36 -16.66
C GLU F 22 -20.45 -9.80 -15.26
N LEU F 23 -20.72 -8.52 -15.17
CA LEU F 23 -21.09 -7.91 -13.87
C LEU F 23 -22.37 -8.60 -13.40
N LEU F 24 -22.47 -8.78 -12.09
CA LEU F 24 -23.48 -9.56 -11.36
C LEU F 24 -24.46 -8.63 -10.63
N ILE F 25 -24.17 -7.32 -10.50
CA ILE F 25 -25.15 -6.33 -9.96
C ILE F 25 -25.85 -5.70 -11.16
N ARG F 26 -27.16 -5.45 -11.09
CA ARG F 26 -27.96 -4.82 -12.19
C ARG F 26 -27.45 -3.39 -12.43
N LYS F 27 -27.30 -2.96 -13.68
CA LYS F 27 -26.57 -1.68 -14.01
C LYS F 27 -27.28 -0.50 -13.32
N LEU F 28 -28.61 -0.43 -13.44
CA LEU F 28 -29.36 0.81 -13.11
C LEU F 28 -29.37 1.02 -11.60
N PRO F 29 -29.74 0.02 -10.78
CA PRO F 29 -29.65 0.19 -9.33
C PRO F 29 -28.27 0.69 -8.92
N PHE F 30 -27.18 0.12 -9.49
CA PHE F 30 -25.79 0.44 -9.06
C PHE F 30 -25.55 1.91 -9.38
N GLN F 31 -26.02 2.37 -10.53
CA GLN F 31 -25.85 3.77 -11.00
C GLN F 31 -26.62 4.73 -10.04
N ARG F 32 -27.77 4.31 -9.53
CA ARG F 32 -28.61 5.11 -8.62
C ARG F 32 -27.84 5.22 -7.29
N LEU F 33 -27.32 4.09 -6.81
CA LEU F 33 -26.43 4.05 -5.62
C LEU F 33 -25.24 5.02 -5.81
N VAL F 34 -24.54 4.99 -6.95
CA VAL F 34 -23.37 5.89 -7.15
C VAL F 34 -23.89 7.33 -7.04
N ARG F 35 -24.88 7.69 -7.86
CA ARG F 35 -25.44 9.07 -7.88
C ARG F 35 -25.84 9.51 -6.46
N GLU F 36 -26.47 8.66 -5.66
CA GLU F 36 -26.94 9.09 -4.33
C GLU F 36 -25.73 9.45 -3.47
N ILE F 37 -24.73 8.58 -3.45
CA ILE F 37 -23.56 8.76 -2.55
C ILE F 37 -22.87 10.02 -3.03
N ALA F 38 -22.67 10.16 -4.32
CA ALA F 38 -21.90 11.32 -4.83
C ALA F 38 -22.65 12.61 -4.48
N GLN F 39 -23.96 12.63 -4.69
CA GLN F 39 -24.85 13.79 -4.46
C GLN F 39 -24.73 14.25 -3.01
N ASP F 40 -24.82 13.34 -2.04
CA ASP F 40 -24.47 13.56 -0.61
C ASP F 40 -23.07 14.14 -0.37
N PHE F 41 -22.07 13.95 -1.26
CA PHE F 41 -20.77 14.69 -1.16
C PHE F 41 -20.84 16.03 -1.90
N LYS F 42 -21.46 16.06 -3.08
CA LYS F 42 -21.56 17.27 -3.92
C LYS F 42 -22.81 17.20 -4.81
N THR F 43 -23.59 18.28 -4.85
CA THR F 43 -24.82 18.41 -5.68
C THR F 43 -24.42 18.75 -7.12
N ASP F 44 -25.31 18.51 -8.10
CA ASP F 44 -25.12 19.02 -9.49
C ASP F 44 -24.00 18.27 -10.22
N LEU F 45 -23.51 17.16 -9.65
CA LEU F 45 -22.51 16.25 -10.29
C LEU F 45 -23.17 15.44 -11.41
N ARG F 46 -22.46 15.34 -12.52
CA ARG F 46 -22.74 14.35 -13.59
C ARG F 46 -21.60 13.32 -13.65
N PHE F 47 -21.80 12.25 -14.40
CA PHE F 47 -20.86 11.12 -14.52
C PHE F 47 -20.74 10.71 -15.99
N GLN F 48 -19.53 10.65 -16.53
CA GLN F 48 -19.25 9.84 -17.74
C GLN F 48 -19.76 8.43 -17.49
N SER F 49 -20.40 7.79 -18.46
CA SER F 49 -20.93 6.43 -18.26
C SER F 49 -19.77 5.48 -17.86
N SER F 50 -18.59 5.68 -18.42
CA SER F 50 -17.42 4.80 -18.17
C SER F 50 -16.95 4.95 -16.70
N ALA F 51 -17.20 6.11 -16.07
CA ALA F 51 -16.84 6.34 -14.66
C ALA F 51 -17.65 5.42 -13.74
N VAL F 52 -18.90 5.20 -14.06
CA VAL F 52 -19.86 4.38 -13.24
C VAL F 52 -19.50 2.91 -13.44
N MET F 53 -19.13 2.54 -14.67
CA MET F 53 -18.77 1.16 -15.05
C MET F 53 -17.43 0.81 -14.40
N ALA F 54 -16.48 1.74 -14.39
CA ALA F 54 -15.20 1.56 -13.65
C ALA F 54 -15.50 1.32 -12.17
N LEU F 55 -16.44 2.06 -11.57
CA LEU F 55 -16.82 1.90 -10.15
C LEU F 55 -17.44 0.53 -10.00
N GLN F 56 -18.25 0.12 -10.95
CA GLN F 56 -18.95 -1.17 -10.78
C GLN F 56 -17.94 -2.31 -10.90
N GLU F 57 -16.96 -2.18 -11.79
CA GLU F 57 -15.95 -3.25 -12.01
C GLU F 57 -15.11 -3.27 -10.75
N ALA F 58 -14.74 -2.12 -10.20
CA ALA F 58 -13.88 -2.10 -8.98
C ALA F 58 -14.67 -2.63 -7.80
N CYS F 59 -16.00 -2.37 -7.69
CA CYS F 59 -16.80 -2.75 -6.48
C CYS F 59 -17.02 -4.25 -6.47
N GLU F 60 -17.40 -4.82 -7.60
CA GLU F 60 -17.58 -6.30 -7.79
C GLU F 60 -16.25 -7.05 -7.58
N ALA F 61 -15.11 -6.59 -8.15
CA ALA F 61 -13.81 -7.33 -7.98
C ALA F 61 -13.41 -7.24 -6.50
N TYR F 62 -13.70 -6.11 -5.85
CA TYR F 62 -13.47 -5.98 -4.39
C TYR F 62 -14.40 -6.98 -3.65
N LEU F 63 -15.67 -7.06 -3.97
CA LEU F 63 -16.60 -7.89 -3.15
C LEU F 63 -16.32 -9.37 -3.36
N VAL F 64 -16.07 -9.75 -4.61
CA VAL F 64 -15.62 -11.13 -4.95
C VAL F 64 -14.37 -11.46 -4.15
N GLY F 65 -13.33 -10.64 -4.24
CA GLY F 65 -12.09 -10.90 -3.46
C GLY F 65 -12.42 -11.06 -1.98
N LEU F 66 -13.34 -10.23 -1.41
CA LEU F 66 -13.63 -10.23 0.04
C LEU F 66 -14.32 -11.53 0.44
N PHE F 67 -15.17 -12.03 -0.44
CA PHE F 67 -15.93 -13.29 -0.19
C PHE F 67 -14.97 -14.45 -0.22
N GLU F 68 -13.90 -14.40 -1.03
CA GLU F 68 -12.92 -15.52 -1.04
C GLU F 68 -12.31 -15.53 0.34
N ASP F 69 -11.82 -14.37 0.83
CA ASP F 69 -11.15 -14.31 2.19
C ASP F 69 -12.16 -14.69 3.27
N THR F 70 -13.44 -14.36 3.09
CA THR F 70 -14.51 -14.56 4.09
C THR F 70 -14.72 -16.07 4.21
N ASN F 71 -14.79 -16.72 3.06
CA ASN F 71 -14.98 -18.18 2.90
C ASN F 71 -13.81 -18.90 3.60
N LEU F 72 -12.60 -18.40 3.39
CA LEU F 72 -11.41 -18.98 4.06
C LEU F 72 -11.59 -18.79 5.56
N CYS F 73 -12.17 -17.66 5.99
CA CYS F 73 -12.45 -17.49 7.44
C CYS F 73 -13.53 -18.49 7.93
N ALA F 74 -14.60 -18.76 7.19
CA ALA F 74 -15.63 -19.72 7.65
C ALA F 74 -14.96 -21.08 7.81
N ILE F 75 -14.27 -21.53 6.75
CA ILE F 75 -13.66 -22.89 6.65
C ILE F 75 -12.67 -23.03 7.80
N HIS F 76 -11.93 -21.99 8.15
CA HIS F 76 -10.92 -22.08 9.25
C HIS F 76 -11.63 -22.39 10.55
N ALA F 77 -12.89 -21.93 10.66
CA ALA F 77 -13.78 -22.16 11.83
C ALA F 77 -14.46 -23.53 11.71
N LYS F 78 -14.14 -24.33 10.68
CA LYS F 78 -14.77 -25.65 10.39
C LYS F 78 -16.26 -25.46 10.08
N ARG F 79 -16.63 -24.36 9.44
CA ARG F 79 -18.00 -24.21 8.87
C ARG F 79 -17.91 -24.23 7.35
N VAL F 80 -19.04 -24.17 6.66
CA VAL F 80 -19.13 -24.00 5.18
C VAL F 80 -20.11 -22.83 4.87
N THR F 81 -20.55 -22.12 5.89
CA THR F 81 -21.57 -21.02 5.82
C THR F 81 -20.88 -19.75 6.24
N ILE F 82 -20.80 -18.79 5.34
CA ILE F 82 -20.13 -17.52 5.72
C ILE F 82 -21.08 -16.73 6.62
N MET F 83 -20.55 -16.14 7.69
CA MET F 83 -21.30 -15.21 8.58
C MET F 83 -20.64 -13.84 8.67
N PRO F 84 -21.36 -12.84 9.20
CA PRO F 84 -20.82 -11.48 9.39
C PRO F 84 -19.45 -11.47 10.09
N LYS F 85 -19.24 -12.38 11.01
CA LYS F 85 -17.98 -12.39 11.78
C LYS F 85 -16.85 -12.82 10.83
N ASP F 86 -17.15 -13.58 9.76
CA ASP F 86 -16.11 -14.00 8.77
C ASP F 86 -15.68 -12.74 7.99
N ILE F 87 -16.63 -11.93 7.53
CA ILE F 87 -16.31 -10.77 6.67
C ILE F 87 -15.43 -9.82 7.48
N GLN F 88 -15.79 -9.61 8.73
CA GLN F 88 -15.13 -8.66 9.66
C GLN F 88 -13.78 -9.24 10.07
N LEU F 89 -13.65 -10.53 10.28
CA LEU F 89 -12.29 -11.02 10.58
C LEU F 89 -11.42 -10.78 9.34
N ALA F 90 -11.99 -10.95 8.15
CA ALA F 90 -11.21 -10.85 6.89
C ALA F 90 -10.74 -9.40 6.72
N ARG F 91 -11.65 -8.44 6.88
CA ARG F 91 -11.35 -6.99 6.77
C ARG F 91 -10.32 -6.63 7.86
N ARG F 92 -10.45 -7.18 9.07
CA ARG F 92 -9.48 -6.87 10.14
C ARG F 92 -8.09 -7.33 9.66
N ILE F 93 -7.99 -8.54 9.09
CA ILE F 93 -6.65 -9.08 8.74
C ILE F 93 -6.09 -8.39 7.49
N ARG F 94 -6.95 -7.99 6.55
CA ARG F 94 -6.57 -7.20 5.35
C ARG F 94 -6.04 -5.81 5.73
N GLY F 95 -6.25 -5.40 6.97
CA GLY F 95 -5.91 -4.05 7.46
C GLY F 95 -6.87 -3.03 6.92
N GLU F 96 -8.10 -3.38 6.58
CA GLU F 96 -9.14 -2.39 6.16
C GLU F 96 -9.79 -1.77 7.40
N ARG F 97 -9.55 -2.34 8.57
CA ARG F 97 -10.20 -1.87 9.81
C ARG F 97 -9.28 -2.28 10.95
N ALA F 98 -9.50 -1.64 12.08
CA ALA F 98 -8.77 -1.88 13.33
C ALA F 98 -9.42 -3.07 14.04
N LYS G 1 -36.93 25.02 -13.82
CA LYS G 1 -36.40 23.81 -14.54
C LYS G 1 -37.13 22.56 -14.01
N ARG G 2 -36.46 21.40 -13.93
CA ARG G 2 -37.09 20.08 -13.57
C ARG G 2 -36.74 19.71 -12.12
N HIS G 3 -35.52 20.04 -11.67
CA HIS G 3 -34.85 19.55 -10.43
C HIS G 3 -34.96 18.03 -10.34
N ARG G 4 -33.86 17.38 -9.93
CA ARG G 4 -33.70 15.91 -9.91
C ARG G 4 -34.67 15.30 -8.88
N LYS G 5 -35.42 14.27 -9.27
CA LYS G 5 -36.08 13.31 -8.35
C LYS G 5 -35.14 12.99 -7.18
N VAL G 6 -35.71 12.79 -5.98
CA VAL G 6 -34.96 12.53 -4.72
C VAL G 6 -34.49 11.07 -4.68
N LEU G 7 -33.21 10.90 -4.32
CA LEU G 7 -32.46 9.62 -4.28
C LEU G 7 -32.33 9.20 -2.82
N ARG G 8 -33.02 8.13 -2.46
CA ARG G 8 -33.06 7.57 -1.10
C ARG G 8 -33.07 6.06 -1.25
N ASP G 9 -32.42 5.36 -0.30
CA ASP G 9 -32.52 3.90 -0.05
C ASP G 9 -31.99 3.06 -1.24
N ASN G 10 -31.14 3.61 -2.10
CA ASN G 10 -30.71 2.91 -3.34
C ASN G 10 -29.77 1.74 -3.07
N ILE G 11 -29.27 1.61 -1.84
CA ILE G 11 -28.39 0.53 -1.34
C ILE G 11 -29.21 -0.77 -1.44
N GLN G 12 -30.55 -0.67 -1.42
CA GLN G 12 -31.45 -1.86 -1.34
C GLN G 12 -31.61 -2.42 -2.74
N GLY G 13 -31.09 -1.68 -3.71
CA GLY G 13 -31.00 -2.11 -5.13
C GLY G 13 -29.92 -3.16 -5.33
N ILE G 14 -29.02 -3.31 -4.35
CA ILE G 14 -28.06 -4.43 -4.26
C ILE G 14 -28.78 -5.56 -3.55
N THR G 15 -29.44 -6.38 -4.35
CA THR G 15 -30.43 -7.41 -3.91
C THR G 15 -29.71 -8.61 -3.33
N LYS G 16 -30.45 -9.40 -2.55
CA LYS G 16 -30.01 -10.68 -2.00
C LYS G 16 -29.43 -11.54 -3.12
N PRO G 17 -30.14 -11.70 -4.25
CA PRO G 17 -29.63 -12.46 -5.39
C PRO G 17 -28.35 -11.88 -6.01
N ALA G 18 -28.23 -10.57 -6.17
CA ALA G 18 -26.98 -9.98 -6.70
C ALA G 18 -25.81 -10.30 -5.74
N ILE G 19 -26.04 -10.31 -4.43
CA ILE G 19 -24.99 -10.60 -3.43
C ILE G 19 -24.66 -12.09 -3.46
N ARG G 20 -25.65 -12.93 -3.74
CA ARG G 20 -25.44 -14.39 -3.80
C ARG G 20 -24.51 -14.70 -4.97
N ARG G 21 -24.77 -14.11 -6.13
CA ARG G 21 -23.95 -14.28 -7.33
C ARG G 21 -22.53 -13.87 -7.02
N LEU G 22 -22.34 -12.76 -6.33
CA LEU G 22 -20.97 -12.27 -6.07
C LEU G 22 -20.25 -13.29 -5.17
N ALA G 23 -20.96 -13.87 -4.21
CA ALA G 23 -20.41 -14.84 -3.24
C ALA G 23 -20.02 -16.12 -3.99
N ARG G 24 -20.79 -16.46 -5.00
CA ARG G 24 -20.61 -17.66 -5.88
C ARG G 24 -19.31 -17.49 -6.67
N ARG G 25 -19.12 -16.33 -7.30
CA ARG G 25 -17.88 -16.04 -8.04
C ARG G 25 -16.71 -16.17 -7.04
N GLY G 26 -16.97 -15.86 -5.76
CA GLY G 26 -15.96 -15.85 -4.70
C GLY G 26 -15.82 -17.20 -4.07
N GLY G 27 -16.56 -18.21 -4.52
CA GLY G 27 -16.34 -19.60 -4.08
C GLY G 27 -17.30 -20.03 -3.00
N VAL G 28 -18.38 -19.27 -2.73
CA VAL G 28 -19.10 -19.50 -1.46
C VAL G 28 -20.25 -20.46 -1.71
N LYS G 29 -20.43 -21.45 -0.86
CA LYS G 29 -21.45 -22.53 -1.01
C LYS G 29 -22.69 -22.21 -0.15
N ARG G 30 -22.51 -21.80 1.11
CA ARG G 30 -23.62 -21.50 2.03
C ARG G 30 -23.44 -20.12 2.67
N ILE G 31 -24.56 -19.43 2.87
CA ILE G 31 -24.67 -17.97 3.17
C ILE G 31 -25.70 -17.71 4.27
N SER G 32 -25.22 -17.30 5.46
CA SER G 32 -26.04 -16.83 6.60
C SER G 32 -26.99 -15.71 6.16
N GLY G 33 -28.17 -15.65 6.76
CA GLY G 33 -29.21 -14.64 6.43
C GLY G 33 -28.74 -13.21 6.69
N LEU G 34 -27.79 -13.03 7.61
CA LEU G 34 -27.25 -11.71 8.01
C LEU G 34 -26.20 -11.19 6.99
N ILE G 35 -25.83 -11.98 5.97
CA ILE G 35 -24.67 -11.62 5.10
C ILE G 35 -25.08 -10.43 4.26
N TYR G 36 -26.37 -10.36 3.90
CA TYR G 36 -26.82 -9.38 2.87
C TYR G 36 -26.67 -7.96 3.41
N GLU G 37 -27.15 -7.74 4.62
CA GLU G 37 -27.01 -6.43 5.31
C GLU G 37 -25.53 -6.16 5.62
N GLU G 38 -24.77 -7.15 6.05
CA GLU G 38 -23.31 -6.93 6.26
C GLU G 38 -22.62 -6.49 4.95
N THR G 39 -23.01 -7.06 3.80
CA THR G 39 -22.33 -6.78 2.52
C THR G 39 -22.72 -5.37 2.09
N ARG G 40 -24.02 -5.03 2.20
CA ARG G 40 -24.49 -3.66 1.82
C ARG G 40 -23.68 -2.62 2.60
N GLY G 41 -23.47 -2.81 3.90
CA GLY G 41 -22.62 -1.90 4.70
C GLY G 41 -21.21 -1.79 4.15
N VAL G 42 -20.57 -2.94 3.89
CA VAL G 42 -19.17 -2.96 3.35
C VAL G 42 -19.16 -2.29 2.00
N LEU G 43 -20.15 -2.58 1.13
CA LEU G 43 -20.17 -1.94 -0.22
C LEU G 43 -20.29 -0.42 -0.09
N LYS G 44 -21.21 0.10 0.73
CA LYS G 44 -21.42 1.56 0.91
C LYS G 44 -20.10 2.19 1.34
N VAL G 45 -19.41 1.60 2.34
CA VAL G 45 -18.12 2.16 2.83
C VAL G 45 -17.12 2.18 1.67
N PHE G 46 -17.08 1.10 0.86
CA PHE G 46 -16.09 1.05 -0.23
C PHE G 46 -16.44 2.12 -1.25
N LEU G 47 -17.72 2.22 -1.67
CA LEU G 47 -18.14 3.24 -2.67
C LEU G 47 -17.88 4.66 -2.16
N GLU G 48 -18.32 4.96 -0.96
CA GLU G 48 -18.15 6.29 -0.35
C GLU G 48 -16.68 6.62 -0.49
N ASN G 49 -15.77 5.72 -0.05
CA ASN G 49 -14.34 6.07 0.01
C ASN G 49 -13.88 6.37 -1.42
N VAL G 50 -14.25 5.57 -2.38
CA VAL G 50 -13.70 5.80 -3.73
C VAL G 50 -14.38 7.04 -4.29
N ILE G 51 -15.71 7.18 -4.14
CA ILE G 51 -16.41 8.35 -4.72
C ILE G 51 -15.86 9.66 -4.12
N ARG G 52 -15.62 9.69 -2.80
CA ARG G 52 -15.09 10.86 -2.09
C ARG G 52 -13.79 11.28 -2.79
N ASP G 53 -12.84 10.34 -2.98
CA ASP G 53 -11.59 10.67 -3.68
C ASP G 53 -11.89 11.08 -5.13
N ALA G 54 -12.73 10.34 -5.86
CA ALA G 54 -12.98 10.69 -7.28
C ALA G 54 -13.49 12.13 -7.36
N VAL G 55 -14.47 12.46 -6.53
CA VAL G 55 -15.08 13.82 -6.49
C VAL G 55 -14.05 14.86 -6.04
N THR G 56 -13.13 14.52 -5.12
CA THR G 56 -12.06 15.47 -4.79
C THR G 56 -11.26 15.83 -6.06
N TYR G 57 -10.75 14.88 -6.85
CA TYR G 57 -10.11 15.17 -8.18
C TYR G 57 -11.06 15.93 -9.13
N THR G 58 -12.33 15.58 -9.20
CA THR G 58 -13.30 16.41 -9.99
C THR G 58 -13.21 17.87 -9.53
N GLU G 59 -13.31 18.12 -8.22
CA GLU G 59 -13.51 19.52 -7.73
C GLU G 59 -12.21 20.25 -7.99
N HIS G 60 -11.06 19.58 -7.83
CA HIS G 60 -9.74 20.21 -7.98
C HIS G 60 -9.57 20.68 -9.42
N ALA G 61 -10.09 19.89 -10.35
CA ALA G 61 -10.08 20.17 -11.80
C ALA G 61 -11.10 21.26 -12.14
N LYS G 62 -12.00 21.64 -11.22
CA LYS G 62 -13.05 22.67 -11.46
C LYS G 62 -14.04 22.16 -12.52
N ARG G 63 -14.36 20.88 -12.49
CA ARG G 63 -15.34 20.25 -13.40
C ARG G 63 -16.59 19.91 -12.61
N LYS G 64 -17.68 19.64 -13.34
CA LYS G 64 -18.99 19.21 -12.82
C LYS G 64 -19.26 17.75 -13.20
N THR G 65 -18.32 17.14 -13.91
CA THR G 65 -18.44 15.77 -14.45
C THR G 65 -17.35 14.91 -13.85
N VAL G 66 -17.77 13.88 -13.13
CA VAL G 66 -16.84 12.83 -12.66
C VAL G 66 -16.45 12.00 -13.89
N THR G 67 -15.16 11.99 -14.25
CA THR G 67 -14.59 11.21 -15.39
C THR G 67 -14.15 9.81 -14.91
N ALA G 68 -14.09 8.84 -15.85
CA ALA G 68 -13.43 7.54 -15.64
C ALA G 68 -12.08 7.76 -14.98
N MET G 69 -11.34 8.80 -15.39
CA MET G 69 -9.95 9.02 -14.94
C MET G 69 -10.00 9.42 -13.46
N ASP G 70 -10.98 10.21 -13.04
CA ASP G 70 -11.16 10.63 -11.63
C ASP G 70 -11.34 9.35 -10.82
N VAL G 71 -12.13 8.39 -11.31
CA VAL G 71 -12.34 7.10 -10.59
C VAL G 71 -11.05 6.28 -10.59
N VAL G 72 -10.38 6.19 -11.74
CA VAL G 72 -9.12 5.41 -11.89
C VAL G 72 -8.06 5.96 -10.93
N TYR G 73 -7.95 7.28 -10.78
CA TYR G 73 -6.99 7.90 -9.82
C TYR G 73 -7.43 7.61 -8.39
N ALA G 74 -8.71 7.71 -8.08
CA ALA G 74 -9.21 7.37 -6.74
C ALA G 74 -8.92 5.90 -6.50
N LEU G 75 -9.22 5.03 -7.44
CA LEU G 75 -8.90 3.57 -7.21
C LEU G 75 -7.39 3.39 -6.99
N LYS G 76 -6.52 4.08 -7.73
CA LYS G 76 -5.04 3.88 -7.58
C LYS G 76 -4.63 4.32 -6.17
N ARG G 77 -4.99 5.52 -5.75
CA ARG G 77 -4.73 6.09 -4.39
C ARG G 77 -5.08 5.06 -3.29
N GLN G 78 -6.22 4.39 -3.43
CA GLN G 78 -6.85 3.48 -2.44
C GLN G 78 -6.20 2.07 -2.51
N GLY G 79 -5.18 1.88 -3.34
CA GLY G 79 -4.53 0.57 -3.59
C GLY G 79 -5.48 -0.47 -4.19
N ARG G 80 -6.34 -0.08 -5.14
CA ARG G 80 -7.32 -0.91 -5.87
C ARG G 80 -7.17 -0.56 -7.35
N THR G 81 -5.94 -0.47 -7.83
CA THR G 81 -5.62 -0.11 -9.24
C THR G 81 -6.45 -0.97 -10.16
N LEU G 82 -7.11 -0.32 -11.09
CA LEU G 82 -8.02 -0.86 -12.10
C LEU G 82 -7.36 -0.63 -13.45
N TYR G 83 -7.24 -1.69 -14.27
CA TYR G 83 -6.87 -1.62 -15.68
C TYR G 83 -8.15 -1.63 -16.52
N GLY G 84 -8.20 -0.78 -17.55
CA GLY G 84 -9.12 -0.94 -18.71
C GLY G 84 -10.00 0.26 -18.94
N PHE G 85 -9.68 1.39 -18.27
CA PHE G 85 -10.49 2.62 -18.28
C PHE G 85 -9.61 3.86 -18.42
N GLY G 86 -8.39 3.74 -18.98
CA GLY G 86 -7.46 4.87 -19.24
C GLY G 86 -6.35 4.93 -18.19
N GLY G 87 -5.36 5.81 -18.35
CA GLY G 87 -4.20 5.88 -17.43
C GLY G 87 -3.26 4.70 -17.61
N LYS H 1 16.91 44.24 8.07
CA LYS H 1 16.04 44.39 6.85
C LYS H 1 15.37 43.05 6.53
N ALA H 2 16.06 41.91 6.72
CA ALA H 2 15.59 40.56 6.37
C ALA H 2 14.62 40.02 7.43
N LYS H 3 13.55 39.37 7.00
CA LYS H 3 12.54 38.70 7.87
C LYS H 3 12.15 37.36 7.24
N THR H 4 12.43 36.25 7.94
CA THR H 4 12.14 34.86 7.48
C THR H 4 10.68 34.75 7.03
N ARG H 5 10.45 34.07 5.90
CA ARG H 5 9.09 33.72 5.40
C ARG H 5 8.27 33.03 6.51
N SER H 6 8.93 32.33 7.44
CA SER H 6 8.28 31.69 8.63
C SER H 6 7.75 32.76 9.59
N SER H 7 8.57 33.70 10.03
CA SER H 7 8.15 34.76 10.99
C SER H 7 6.96 35.50 10.37
N ARG H 8 6.92 35.68 9.06
CA ARG H 8 5.80 36.35 8.33
C ARG H 8 4.52 35.51 8.40
N ALA H 9 4.64 34.18 8.25
CA ALA H 9 3.50 33.24 8.13
C ALA H 9 3.00 32.81 9.50
N GLY H 10 3.78 33.09 10.55
CA GLY H 10 3.38 32.81 11.94
C GLY H 10 3.74 31.41 12.35
N LEU H 11 4.84 30.86 11.80
CA LEU H 11 5.25 29.44 11.93
C LEU H 11 6.65 29.30 12.56
N GLN H 12 6.80 28.24 13.34
CA GLN H 12 8.06 27.67 13.89
C GLN H 12 8.78 26.83 12.83
N PHE H 13 8.05 26.27 11.86
CA PHE H 13 8.60 25.36 10.81
C PHE H 13 9.18 26.20 9.68
N PRO H 14 10.28 25.73 9.07
CA PRO H 14 11.07 26.55 8.14
C PRO H 14 10.50 26.60 6.72
N VAL H 15 9.80 27.68 6.42
CA VAL H 15 9.14 27.86 5.10
C VAL H 15 10.25 27.76 4.04
N GLY H 16 11.42 28.33 4.34
CA GLY H 16 12.51 28.44 3.37
C GLY H 16 12.99 27.06 2.99
N ARG H 17 13.29 26.23 4.00
CA ARG H 17 13.70 24.81 3.80
C ARG H 17 12.60 24.05 3.02
N VAL H 18 11.34 24.10 3.47
CA VAL H 18 10.22 23.36 2.82
C VAL H 18 10.26 23.71 1.32
N HIS H 19 10.42 25.00 1.00
CA HIS H 19 10.45 25.52 -0.41
C HIS H 19 11.58 24.83 -1.17
N ARG H 20 12.76 24.80 -0.60
CA ARG H 20 13.95 24.21 -1.23
C ARG H 20 13.71 22.69 -1.38
N LEU H 21 13.21 22.02 -0.34
CA LEU H 21 12.96 20.54 -0.42
C LEU H 21 11.91 20.25 -1.50
N LEU H 22 10.96 21.15 -1.75
CA LEU H 22 9.97 20.99 -2.85
C LEU H 22 10.69 21.10 -4.20
N ARG H 23 11.62 22.06 -4.37
CA ARG H 23 12.38 22.29 -5.64
C ARG H 23 13.29 21.08 -5.92
N LYS H 24 14.13 20.70 -4.95
CA LYS H 24 15.20 19.68 -5.12
C LYS H 24 14.57 18.28 -5.13
N GLY H 25 13.24 18.22 -5.20
CA GLY H 25 12.44 16.99 -5.06
C GLY H 25 11.83 16.50 -6.36
N ASN H 26 11.91 17.30 -7.43
CA ASN H 26 11.36 16.97 -8.77
C ASN H 26 9.86 16.70 -8.65
N TYR H 27 9.15 17.52 -7.90
CA TYR H 27 7.69 17.39 -7.74
C TYR H 27 6.98 18.11 -8.89
N SER H 28 7.57 19.20 -9.37
CA SER H 28 6.99 20.09 -10.42
C SER H 28 8.07 21.06 -10.92
N GLU H 29 7.95 21.55 -12.14
CA GLU H 29 8.88 22.57 -12.70
C GLU H 29 8.86 23.82 -11.81
N ARG H 30 7.68 24.26 -11.37
CA ARG H 30 7.53 25.54 -10.62
C ARG H 30 6.80 25.29 -9.30
N VAL H 31 6.84 26.27 -8.40
CA VAL H 31 6.35 26.18 -6.99
C VAL H 31 5.76 27.53 -6.60
N GLY H 32 4.42 27.60 -6.51
CA GLY H 32 3.61 28.72 -5.99
C GLY H 32 4.07 29.22 -4.62
N ALA H 33 4.02 30.53 -4.40
CA ALA H 33 4.57 31.21 -3.21
C ALA H 33 3.97 30.58 -1.94
N GLY H 34 2.66 30.32 -1.93
CA GLY H 34 1.92 29.84 -0.73
C GLY H 34 2.16 28.37 -0.41
N ALA H 35 2.45 27.56 -1.43
CA ALA H 35 2.56 26.08 -1.31
C ALA H 35 3.48 25.72 -0.13
N PRO H 36 4.70 26.28 -0.03
CA PRO H 36 5.60 25.95 1.08
C PRO H 36 5.13 26.49 2.43
N VAL H 37 4.37 27.59 2.41
CA VAL H 37 3.77 28.15 3.65
C VAL H 37 2.73 27.14 4.15
N TYR H 38 1.78 26.78 3.29
CA TYR H 38 0.70 25.82 3.59
C TYR H 38 1.31 24.53 4.13
N LEU H 39 2.22 23.97 3.34
CA LEU H 39 2.86 22.66 3.60
C LEU H 39 3.58 22.73 4.94
N ALA H 40 4.28 23.81 5.21
CA ALA H 40 4.99 24.02 6.49
C ALA H 40 3.98 24.04 7.66
N ALA H 41 2.85 24.71 7.48
CA ALA H 41 1.79 24.83 8.50
C ALA H 41 1.22 23.43 8.75
N VAL H 42 0.95 22.68 7.68
CA VAL H 42 0.33 21.35 7.83
C VAL H 42 1.24 20.47 8.69
N LEU H 43 2.56 20.56 8.49
CA LEU H 43 3.52 19.63 9.11
C LEU H 43 3.66 20.04 10.57
N GLU H 44 3.67 21.35 10.82
CA GLU H 44 3.67 21.93 12.18
C GLU H 44 2.40 21.47 12.90
N TYR H 45 1.22 21.71 12.33
CA TYR H 45 -0.06 21.28 12.93
C TYR H 45 0.03 19.80 13.34
N LEU H 46 0.46 18.92 12.42
CA LEU H 46 0.40 17.44 12.68
C LEU H 46 1.41 17.15 13.79
N THR H 47 2.51 17.91 13.83
CA THR H 47 3.57 17.78 14.88
C THR H 47 2.96 18.17 16.24
N ALA H 48 2.19 19.24 16.26
CA ALA H 48 1.55 19.73 17.50
C ALA H 48 0.58 18.67 18.00
N GLU H 49 -0.29 18.24 17.12
CA GLU H 49 -1.29 17.19 17.41
C GLU H 49 -0.55 16.02 18.09
N ILE H 50 0.58 15.55 17.55
CA ILE H 50 1.24 14.32 18.08
C ILE H 50 1.89 14.68 19.40
N LEU H 51 2.64 15.78 19.44
CA LEU H 51 3.40 16.22 20.66
C LEU H 51 2.43 16.57 21.79
N GLU H 52 1.28 17.16 21.49
CA GLU H 52 0.14 17.33 22.44
C GLU H 52 -0.19 15.99 23.13
N LEU H 53 -0.51 14.95 22.35
CA LEU H 53 -1.06 13.67 22.90
C LEU H 53 0.07 12.85 23.52
N ALA H 54 1.29 12.94 22.95
CA ALA H 54 2.50 12.27 23.46
C ALA H 54 2.85 12.86 24.82
N GLY H 55 2.79 14.19 24.90
CA GLY H 55 2.89 14.94 26.17
C GLY H 55 1.95 14.36 27.19
N ASN H 56 0.68 14.22 26.86
CA ASN H 56 -0.35 13.76 27.84
C ASN H 56 0.04 12.37 28.30
N ALA H 57 0.56 11.53 27.40
CA ALA H 57 0.85 10.12 27.73
C ALA H 57 2.11 10.07 28.61
N ALA H 58 3.08 10.94 28.35
CA ALA H 58 4.27 11.07 29.22
C ALA H 58 3.82 11.52 30.62
N ARG H 59 2.91 12.49 30.68
CA ARG H 59 2.35 12.97 31.97
C ARG H 59 1.76 11.77 32.75
N ASP H 60 0.90 10.97 32.13
CA ASP H 60 0.27 9.80 32.79
C ASP H 60 1.31 8.83 33.36
N ASN H 61 2.50 8.73 32.78
CA ASN H 61 3.52 7.74 33.24
C ASN H 61 4.39 8.40 34.31
N LYS H 62 3.95 9.52 34.91
CA LYS H 62 4.74 10.32 35.87
C LYS H 62 6.08 10.70 35.22
N LYS H 63 6.05 11.13 33.96
CA LYS H 63 7.29 11.37 33.15
C LYS H 63 7.26 12.75 32.53
N THR H 64 8.39 13.44 32.46
CA THR H 64 8.51 14.79 31.83
C THR H 64 9.17 14.71 30.46
N ARG H 65 9.85 13.59 30.17
CA ARG H 65 10.58 13.37 28.90
C ARG H 65 9.77 12.46 27.95
N ILE H 66 9.31 12.97 26.81
CA ILE H 66 8.58 12.16 25.78
C ILE H 66 9.54 11.11 25.19
N ILE H 67 9.28 9.80 25.37
CA ILE H 67 10.02 8.71 24.65
C ILE H 67 9.16 8.08 23.54
N PRO H 68 9.78 7.29 22.63
CA PRO H 68 9.04 6.60 21.56
C PRO H 68 7.77 5.90 22.05
N ARG H 69 7.83 5.26 23.22
CA ARG H 69 6.67 4.55 23.82
C ARG H 69 5.52 5.55 23.96
N HIS H 70 5.82 6.79 24.32
CA HIS H 70 4.79 7.83 24.50
C HIS H 70 4.20 8.16 23.12
N LEU H 71 5.03 8.15 22.07
CA LEU H 71 4.56 8.53 20.71
C LEU H 71 3.63 7.40 20.20
N GLN H 72 4.05 6.15 20.38
CA GLN H 72 3.22 4.97 20.05
C GLN H 72 1.87 5.08 20.79
N LEU H 73 1.86 5.34 22.09
CA LEU H 73 0.58 5.30 22.87
C LEU H 73 -0.37 6.38 22.38
N ALA H 74 0.15 7.56 22.03
CA ALA H 74 -0.66 8.67 21.53
C ALA H 74 -1.25 8.27 20.17
N ILE H 75 -0.41 7.74 19.28
CA ILE H 75 -0.81 7.50 17.86
C ILE H 75 -1.85 6.36 17.82
N ARG H 76 -1.61 5.28 18.54
CA ARG H 76 -2.43 4.06 18.39
C ARG H 76 -3.69 4.26 19.21
N ASN H 77 -3.71 5.22 20.14
CA ASN H 77 -4.95 5.51 20.90
C ASN H 77 -5.79 6.54 20.14
N ASP H 78 -5.34 7.03 18.98
CA ASP H 78 -6.10 8.02 18.17
C ASP H 78 -6.52 7.42 16.82
N GLU H 79 -7.82 7.39 16.54
CA GLU H 79 -8.40 6.72 15.35
C GLU H 79 -7.77 7.30 14.10
N GLU H 80 -7.63 8.62 14.04
CA GLU H 80 -7.17 9.35 12.84
C GLU H 80 -5.65 9.21 12.68
N LEU H 81 -4.89 9.40 13.75
CA LEU H 81 -3.41 9.28 13.66
C LEU H 81 -3.05 7.82 13.39
N ASN H 82 -3.78 6.88 13.99
CA ASN H 82 -3.53 5.43 13.83
C ASN H 82 -3.75 5.03 12.36
N LYS H 83 -4.76 5.60 11.71
CA LYS H 83 -5.05 5.31 10.28
C LYS H 83 -3.94 5.97 9.43
N LEU H 84 -3.63 7.24 9.71
CA LEU H 84 -2.62 7.99 8.89
C LEU H 84 -1.32 7.19 8.86
N LEU H 85 -0.92 6.64 10.02
CA LEU H 85 0.31 5.89 10.33
C LEU H 85 0.02 4.37 10.40
N GLY H 86 -1.03 3.90 9.72
CA GLY H 86 -1.42 2.47 9.71
C GLY H 86 -0.33 1.53 9.18
N ARG H 87 0.51 1.97 8.25
CA ARG H 87 1.60 1.11 7.69
C ARG H 87 2.97 1.65 8.14
N VAL H 88 3.09 2.03 9.40
CA VAL H 88 4.33 2.63 9.95
C VAL H 88 4.65 1.96 11.29
N THR H 89 5.92 1.69 11.52
CA THR H 89 6.48 1.12 12.79
C THR H 89 7.23 2.24 13.50
N ILE H 90 6.77 2.61 14.67
CA ILE H 90 7.55 3.39 15.67
C ILE H 90 8.61 2.52 16.33
N ALA H 91 9.87 2.68 15.96
CA ALA H 91 10.97 1.96 16.64
C ALA H 91 10.82 2.18 18.15
N GLN H 92 10.98 1.11 18.92
CA GLN H 92 11.03 1.19 20.41
C GLN H 92 9.67 1.69 20.92
N GLY H 93 8.58 1.48 20.16
CA GLY H 93 7.21 1.88 20.52
C GLY H 93 6.44 0.83 21.34
N GLY H 94 6.80 -0.44 21.21
CA GLY H 94 5.98 -1.57 21.70
C GLY H 94 4.54 -1.51 21.21
N VAL H 95 3.63 -2.18 21.92
CA VAL H 95 2.19 -2.26 21.53
C VAL H 95 1.31 -1.79 22.69
N LEU H 96 0.03 -1.59 22.38
CA LEU H 96 -1.01 -1.30 23.39
C LEU H 96 -1.28 -2.57 24.20
N PRO H 97 -1.39 -2.46 25.54
CA PRO H 97 -1.97 -3.54 26.34
C PRO H 97 -3.32 -3.93 25.73
N ASN H 98 -3.46 -5.19 25.37
CA ASN H 98 -4.70 -5.70 24.76
C ASN H 98 -4.66 -7.22 24.92
N ILE H 99 -5.49 -7.75 25.82
CA ILE H 99 -5.66 -9.22 26.01
C ILE H 99 -7.09 -9.57 25.65
N GLN H 100 -7.27 -10.32 24.56
CA GLN H 100 -8.59 -10.83 24.12
C GLN H 100 -9.32 -11.40 25.35
N ALA H 101 -10.60 -11.06 25.49
CA ALA H 101 -11.45 -11.35 26.66
C ALA H 101 -11.43 -12.85 27.00
N VAL H 102 -11.54 -13.72 26.00
CA VAL H 102 -11.68 -15.20 26.15
C VAL H 102 -10.38 -15.81 26.70
N LEU H 103 -9.28 -15.06 26.72
CA LEU H 103 -7.99 -15.55 27.28
C LEU H 103 -7.93 -15.25 28.78
N LEU H 104 -8.86 -14.46 29.33
CA LEU H 104 -8.89 -14.14 30.78
C LEU H 104 -9.36 -15.36 31.56
N PRO H 105 -8.75 -15.59 32.75
CA PRO H 105 -9.07 -16.77 33.57
C PRO H 105 -10.49 -16.63 34.11
N LYS H 106 -11.08 -17.74 34.54
CA LYS H 106 -12.54 -17.88 34.83
C LYS H 106 -12.88 -17.30 36.21
N LYS H 107 -12.08 -17.58 37.24
CA LYS H 107 -12.27 -17.01 38.61
C LYS H 107 -11.01 -17.22 39.44
N ARG I 1 32.42 15.78 8.43
CA ARG I 1 32.25 17.08 9.18
C ARG I 1 31.30 18.01 8.40
N SER I 2 30.36 17.44 7.63
CA SER I 2 29.42 18.18 6.76
C SER I 2 28.05 18.24 7.43
N ARG I 3 27.23 19.21 7.01
CA ARG I 3 25.96 19.56 7.69
C ARG I 3 24.95 18.42 7.44
N LYS I 4 24.28 17.97 8.50
CA LYS I 4 23.24 16.92 8.44
C LYS I 4 21.95 17.53 8.97
N GLU I 5 21.18 18.18 8.09
CA GLU I 5 19.92 18.88 8.38
C GLU I 5 18.86 17.93 8.95
N SER I 6 18.03 18.44 9.86
CA SER I 6 16.82 17.77 10.38
C SER I 6 15.79 18.83 10.75
N TYR I 7 14.68 18.41 11.34
CA TYR I 7 13.53 19.29 11.71
C TYR I 7 13.54 19.50 13.23
N SER I 8 14.55 18.99 13.93
CA SER I 8 14.58 18.85 15.42
C SER I 8 14.36 20.17 16.15
N VAL I 9 15.01 21.23 15.66
CA VAL I 9 14.91 22.63 16.16
C VAL I 9 13.43 23.01 16.16
N TYR I 10 12.72 22.75 15.06
CA TYR I 10 11.27 23.07 14.87
C TYR I 10 10.40 22.12 15.69
N VAL I 11 10.73 20.84 15.71
CA VAL I 11 9.91 19.92 16.55
C VAL I 11 9.96 20.43 18.00
N TYR I 12 11.15 20.86 18.44
CA TYR I 12 11.43 21.27 19.84
C TYR I 12 10.64 22.53 20.19
N LYS I 13 10.55 23.50 19.26
CA LYS I 13 9.82 24.77 19.48
C LYS I 13 8.32 24.50 19.59
N VAL I 14 7.80 23.59 18.76
CA VAL I 14 6.35 23.21 18.81
C VAL I 14 6.11 22.48 20.13
N LEU I 15 7.01 21.58 20.56
CA LEU I 15 6.91 20.93 21.90
C LEU I 15 6.68 21.98 23.00
N LYS I 16 7.38 23.11 22.92
CA LYS I 16 7.42 24.10 24.03
C LYS I 16 6.12 24.90 24.08
N GLN I 17 5.53 25.26 22.94
CA GLN I 17 4.20 25.92 22.85
C GLN I 17 3.12 25.02 23.48
N VAL I 18 3.28 23.72 23.32
CA VAL I 18 2.21 22.71 23.48
C VAL I 18 2.39 22.06 24.86
N HIS I 19 3.62 21.80 25.28
CA HIS I 19 3.97 21.23 26.61
C HIS I 19 5.26 21.85 27.13
N PRO I 20 5.19 23.06 27.73
CA PRO I 20 6.38 23.88 27.97
C PRO I 20 7.33 23.24 29.00
N ASP I 21 6.85 22.33 29.85
CA ASP I 21 7.67 21.67 30.91
C ASP I 21 8.05 20.24 30.51
N THR I 22 7.89 19.90 29.22
CA THR I 22 8.10 18.53 28.69
C THR I 22 9.32 18.50 27.77
N GLY I 23 10.24 17.57 28.04
CA GLY I 23 11.40 17.28 27.17
C GLY I 23 11.09 16.17 26.15
N ILE I 24 12.12 15.64 25.50
CA ILE I 24 12.01 14.65 24.38
C ILE I 24 13.38 13.99 24.17
N SER I 25 13.39 12.66 24.20
CA SER I 25 14.59 11.82 23.97
C SER I 25 15.09 11.97 22.54
N SER I 26 16.36 11.62 22.34
CA SER I 26 17.01 11.50 21.02
C SER I 26 16.14 10.62 20.12
N LYS I 27 15.84 9.41 20.61
CA LYS I 27 15.09 8.37 19.88
C LYS I 27 13.70 8.92 19.51
N ALA I 28 12.98 9.51 20.45
CA ALA I 28 11.68 10.13 20.15
C ALA I 28 11.87 11.21 19.08
N MET I 29 12.93 12.02 19.14
CA MET I 29 13.14 13.09 18.13
C MET I 29 13.37 12.46 16.74
N GLY I 30 14.14 11.37 16.66
CA GLY I 30 14.31 10.60 15.40
C GLY I 30 12.96 10.22 14.80
N ILE I 31 12.04 9.79 15.66
CA ILE I 31 10.70 9.36 15.21
C ILE I 31 9.94 10.53 14.64
N MET I 32 10.05 11.72 15.24
CA MET I 32 9.32 12.91 14.74
C MET I 32 9.92 13.38 13.41
N ASN I 33 11.23 13.22 13.25
CA ASN I 33 11.93 13.50 11.97
C ASN I 33 11.40 12.60 10.85
N SER I 34 11.45 11.28 11.06
CA SER I 34 10.80 10.30 10.14
C SER I 34 9.38 10.80 9.82
N PHE I 35 8.64 11.23 10.85
CA PHE I 35 7.21 11.56 10.68
C PHE I 35 7.07 12.69 9.65
N VAL I 36 7.77 13.78 9.92
CA VAL I 36 7.69 15.02 9.09
C VAL I 36 8.11 14.67 7.65
N ASN I 37 9.27 14.01 7.48
CA ASN I 37 9.81 13.60 6.15
C ASN I 37 8.79 12.72 5.43
N ASP I 38 8.19 11.76 6.14
CA ASP I 38 7.18 10.83 5.55
C ASP I 38 6.00 11.67 5.04
N ILE I 39 5.38 12.48 5.89
CA ILE I 39 4.14 13.23 5.47
C ILE I 39 4.55 14.24 4.42
N PHE I 40 5.72 14.89 4.57
CA PHE I 40 6.25 15.75 3.47
C PHE I 40 6.15 14.96 2.15
N GLU I 41 6.72 13.75 2.10
CA GLU I 41 6.83 12.95 0.85
C GLU I 41 5.40 12.64 0.37
N ARG I 42 4.52 12.20 1.26
CA ARG I 42 3.16 11.81 0.82
C ARG I 42 2.44 13.02 0.23
N ILE I 43 2.43 14.13 0.94
CA ILE I 43 1.71 15.35 0.48
C ILE I 43 2.36 15.85 -0.80
N ALA I 44 3.69 16.05 -0.84
CA ALA I 44 4.38 16.55 -2.07
C ALA I 44 4.07 15.62 -3.25
N GLY I 45 3.99 14.31 -2.99
CA GLY I 45 3.77 13.29 -4.02
C GLY I 45 2.37 13.39 -4.59
N GLU I 46 1.38 13.53 -3.72
CA GLU I 46 -0.01 13.70 -4.20
C GLU I 46 -0.14 15.02 -4.95
N ALA I 47 0.44 16.09 -4.40
CA ALA I 47 0.40 17.43 -5.06
C ALA I 47 0.99 17.29 -6.48
N SER I 48 2.13 16.62 -6.63
CA SER I 48 2.80 16.37 -7.93
C SER I 48 1.86 15.62 -8.88
N ARG I 49 1.24 14.56 -8.41
CA ARG I 49 0.26 13.82 -9.24
C ARG I 49 -0.84 14.81 -9.67
N LEU I 50 -1.48 15.50 -8.73
CA LEU I 50 -2.58 16.44 -9.05
C LEU I 50 -2.14 17.39 -10.16
N ALA I 51 -1.01 18.08 -9.98
CA ALA I 51 -0.52 19.04 -11.00
C ALA I 51 -0.37 18.28 -12.33
N HIS I 52 0.35 17.14 -12.34
CA HIS I 52 0.52 16.28 -13.56
C HIS I 52 -0.84 15.95 -14.17
N TYR I 53 -1.85 15.47 -13.40
CA TYR I 53 -3.19 15.09 -13.94
C TYR I 53 -3.84 16.29 -14.65
N ASN I 54 -3.65 17.49 -14.11
CA ASN I 54 -4.28 18.72 -14.65
C ASN I 54 -3.31 19.46 -15.57
N LYS I 55 -2.29 18.79 -16.12
CA LYS I 55 -1.36 19.38 -17.13
C LYS I 55 -0.90 20.75 -16.65
N ARG I 56 -0.39 20.79 -15.43
CA ARG I 56 0.09 22.03 -14.76
C ARG I 56 1.56 21.85 -14.41
N SER I 57 2.31 22.94 -14.57
CA SER I 57 3.76 23.05 -14.36
C SER I 57 4.04 23.36 -12.89
N THR I 58 2.99 23.78 -12.16
CA THR I 58 3.08 24.48 -10.84
C THR I 58 2.30 23.75 -9.73
N ILE I 59 2.96 23.46 -8.62
CA ILE I 59 2.31 23.12 -7.33
C ILE I 59 2.11 24.40 -6.51
N THR I 60 0.85 24.80 -6.35
CA THR I 60 0.39 25.95 -5.52
C THR I 60 -0.21 25.45 -4.18
N SER I 61 -0.63 26.39 -3.34
CA SER I 61 -1.41 26.19 -2.11
C SER I 61 -2.59 25.23 -2.37
N ARG I 62 -3.21 25.31 -3.55
CA ARG I 62 -4.40 24.53 -3.95
C ARG I 62 -4.11 23.01 -4.07
N GLU I 63 -3.07 22.64 -4.81
CA GLU I 63 -2.56 21.24 -4.85
C GLU I 63 -2.18 20.78 -3.45
N ILE I 64 -1.56 21.63 -2.63
CA ILE I 64 -1.21 21.15 -1.25
C ILE I 64 -2.52 20.84 -0.53
N GLN I 65 -3.53 21.69 -0.69
CA GLN I 65 -4.80 21.58 0.07
C GLN I 65 -5.51 20.30 -0.38
N THR I 66 -5.74 20.14 -1.68
CA THR I 66 -6.34 18.90 -2.22
C THR I 66 -5.55 17.67 -1.72
N ALA I 67 -4.22 17.68 -1.84
CA ALA I 67 -3.37 16.58 -1.33
C ALA I 67 -3.72 16.33 0.14
N VAL I 68 -3.85 17.39 0.94
CA VAL I 68 -4.12 17.20 2.39
C VAL I 68 -5.49 16.52 2.54
N ARG I 69 -6.48 16.92 1.75
CA ARG I 69 -7.85 16.34 1.84
C ARG I 69 -7.82 14.85 1.46
N LEU I 70 -7.09 14.49 0.40
CA LEU I 70 -6.95 13.06 0.00
C LEU I 70 -6.22 12.24 1.08
N LEU I 71 -5.27 12.79 1.84
CA LEU I 71 -4.30 12.02 2.67
C LEU I 71 -4.60 12.05 4.16
N LEU I 72 -5.23 13.10 4.69
CA LEU I 72 -5.52 13.12 6.13
C LEU I 72 -6.95 12.62 6.35
N PRO I 73 -7.13 11.73 7.33
CA PRO I 73 -8.46 11.30 7.76
C PRO I 73 -9.30 12.41 8.40
N GLY I 74 -10.59 12.52 8.00
CA GLY I 74 -11.65 13.31 8.67
C GLY I 74 -11.17 14.59 9.35
N GLU I 75 -11.12 14.63 10.67
CA GLU I 75 -10.88 15.86 11.47
C GLU I 75 -9.46 16.39 11.26
N LEU I 76 -8.45 15.51 11.18
CA LEU I 76 -7.05 15.94 10.90
C LEU I 76 -7.03 16.84 9.65
N ALA I 77 -7.69 16.39 8.59
CA ALA I 77 -7.78 17.12 7.31
C ALA I 77 -8.38 18.50 7.57
N LYS I 78 -9.53 18.54 8.23
CA LYS I 78 -10.25 19.81 8.47
C LYS I 78 -9.29 20.79 9.17
N HIS I 79 -8.66 20.39 10.27
CA HIS I 79 -7.80 21.27 11.10
C HIS I 79 -6.52 21.61 10.35
N ALA I 80 -6.04 20.70 9.48
CA ALA I 80 -4.79 20.92 8.73
C ALA I 80 -5.09 22.03 7.72
N VAL I 81 -6.22 21.90 7.05
CA VAL I 81 -6.70 22.85 6.01
C VAL I 81 -6.85 24.24 6.67
N SER I 82 -7.38 24.28 7.88
CA SER I 82 -7.59 25.60 8.54
C SER I 82 -6.23 26.15 9.00
N GLU I 83 -5.33 25.33 9.55
CA GLU I 83 -3.97 25.82 9.93
C GLU I 83 -3.23 26.29 8.68
N GLY I 84 -3.49 25.65 7.53
CA GLY I 84 -2.81 25.96 6.27
C GLY I 84 -3.30 27.27 5.67
N THR I 85 -4.60 27.45 5.62
CA THR I 85 -5.23 28.65 5.06
C THR I 85 -4.78 29.85 5.90
N LYS I 86 -4.72 29.66 7.20
CA LYS I 86 -4.39 30.71 8.19
C LYS I 86 -3.00 31.26 7.92
N ALA I 87 -2.03 30.36 7.85
CA ALA I 87 -0.59 30.65 7.65
C ALA I 87 -0.40 31.39 6.33
N VAL I 88 -1.22 31.08 5.31
CA VAL I 88 -1.13 31.68 3.95
C VAL I 88 -1.85 33.03 3.95
N THR I 89 -2.90 33.16 4.77
CA THR I 89 -3.57 34.45 5.10
C THR I 89 -2.54 35.38 5.77
N LYS I 90 -1.94 34.96 6.89
CA LYS I 90 -0.97 35.78 7.67
C LYS I 90 0.16 36.26 6.74
N TYR I 91 0.66 35.36 5.91
CA TYR I 91 1.85 35.58 5.05
C TYR I 91 1.52 36.55 3.89
N THR I 92 0.34 36.44 3.25
CA THR I 92 -0.13 37.36 2.17
C THR I 92 -0.39 38.76 2.74
N SER I 93 -0.62 38.87 4.07
CA SER I 93 -0.77 40.13 4.84
C SER I 93 0.50 40.41 5.65
N ALA I 94 1.63 40.61 4.97
CA ALA I 94 2.94 40.90 5.61
C ALA I 94 3.81 41.70 4.65
N LYS I 95 3.93 43.02 4.87
CA LYS I 95 4.62 43.96 3.96
C LYS I 95 6.14 43.75 4.00
MG MG L . -29.06 12.40 -0.35
#